data_1Z5C
#
_entry.id   1Z5C
#
_cell.length_a   74.503
_cell.length_b   74.503
_cell.length_c   346.458
_cell.angle_alpha   90.00
_cell.angle_beta   90.00
_cell.angle_gamma   120.00
#
_symmetry.space_group_name_H-M   'P 32 1 2'
#
loop_
_entity.id
_entity.type
_entity.pdbx_description
1 polymer 'Type II DNA topoisomerase VI subunit B'
2 non-polymer 'MAGNESIUM ION'
3 non-polymer 'PHOSPHATE ION'
4 non-polymer "ADENOSINE-5'-DIPHOSPHATE"
5 water water
#
_entity_poly.entity_id   1
_entity_poly.type   'polypeptide(L)'
_entity_poly.pdbx_seq_one_letter_code
;SAKEKFTSLSPAEFFKRNPELAGFPNPARALYQTVRELIENSLDATDVHGILPNIKITIDLIDDARQIYKVNVVDNGIGI
PPQEVPNAFGRVLYSSKYVNRQTRG(MSE)YGLGVKAAVLYSQ(MSE)HQDKPIEIETSPVNSKRIYTFKLKIDINKNEP
IIVERGSVENTRGFHGTSVAISIPGDWPKAKSRIYEYIKRTYIITPYAEFIFKDPEGNVTYYPRLTNKIPKPPQEVKPHP
YGVDREEIKILINNLKRDYTIKEFLVNEFQSIGDTTADKILELAGLKPNKKVKNLTEEEITRLVETFKKYEDFRSPSADS
LSVIGEDLIELGLKKIFNPDFAASITRKPKAYQGHPFIVEAGVAFGGSIPVGEEPIVLRYANKIPLIYDEKSDVIWKVVE
ELDWKRYGIESDQYQ(MSE)VV(MSE)VHLCSTKIPYKSAGKESIAEVEDIEKEIKNAL(MSE)EVARKLKQYLSEKRKE
QEAKKKLLA
;
_entity_poly.pdbx_strand_id   A,B
#
loop_
_chem_comp.id
_chem_comp.type
_chem_comp.name
_chem_comp.formula
ADP non-polymer ADENOSINE-5'-DIPHOSPHATE 'C10 H15 N5 O10 P2'
MG non-polymer 'MAGNESIUM ION' 'Mg 2'
PO4 non-polymer 'PHOSPHATE ION' 'O4 P -3'
#
# COMPACT_ATOMS: atom_id res chain seq x y z
N LYS A 3 18.27 -8.11 -24.42
CA LYS A 3 18.45 -8.52 -22.98
C LYS A 3 17.18 -8.51 -22.12
N GLU A 4 16.20 -7.67 -22.46
CA GLU A 4 14.93 -7.61 -21.69
C GLU A 4 13.96 -8.77 -22.04
N LYS A 5 13.53 -9.52 -21.02
CA LYS A 5 12.50 -10.56 -21.21
C LYS A 5 11.17 -10.18 -20.51
N PHE A 6 10.09 -10.14 -21.28
CA PHE A 6 8.78 -9.71 -20.80
C PHE A 6 7.99 -10.90 -20.28
N THR A 7 7.44 -10.78 -19.07
CA THR A 7 6.59 -11.82 -18.48
C THR A 7 5.43 -11.20 -17.67
N SER A 8 4.46 -12.04 -17.32
CA SER A 8 3.36 -11.60 -16.50
C SER A 8 3.41 -12.39 -15.23
N LEU A 9 2.69 -11.89 -14.24
CA LEU A 9 2.51 -12.58 -12.96
C LEU A 9 1.03 -12.72 -12.75
N SER A 10 0.65 -13.75 -12.01
CA SER A 10 -0.74 -13.91 -11.57
C SER A 10 -0.86 -13.10 -10.29
N PRO A 11 -2.08 -12.81 -9.85
CA PRO A 11 -2.28 -12.05 -8.62
C PRO A 11 -1.62 -12.73 -7.41
N ALA A 12 -1.60 -14.06 -7.39
CA ALA A 12 -0.94 -14.79 -6.32
C ALA A 12 0.59 -14.57 -6.32
N GLU A 13 1.23 -14.69 -7.47
CA GLU A 13 2.69 -14.51 -7.56
C GLU A 13 3.05 -13.06 -7.19
N PHE A 14 2.19 -12.12 -7.58
CA PHE A 14 2.39 -10.73 -7.22
C PHE A 14 2.53 -10.57 -5.70
N PHE A 15 1.58 -11.11 -4.97
CA PHE A 15 1.59 -10.94 -3.53
C PHE A 15 2.60 -11.84 -2.87
N LYS A 16 2.92 -12.96 -3.50
CA LYS A 16 3.94 -13.83 -2.94
C LYS A 16 5.35 -13.14 -3.01
N ARG A 17 5.61 -12.47 -4.14
CA ARG A 17 6.84 -11.73 -4.33
C ARG A 17 6.90 -10.48 -3.45
N ASN A 18 5.74 -9.90 -3.11
CA ASN A 18 5.68 -8.64 -2.35
C ASN A 18 4.76 -8.66 -1.16
N PRO A 19 5.03 -9.52 -0.19
CA PRO A 19 4.07 -9.73 0.93
C PRO A 19 3.91 -8.50 1.80
N GLU A 20 4.94 -7.66 1.81
CA GLU A 20 4.90 -6.38 2.50
C GLU A 20 3.72 -5.50 2.00
N LEU A 21 3.28 -5.68 0.75
CA LEU A 21 2.12 -4.93 0.24
C LEU A 21 0.80 -5.30 0.95
N ALA A 22 0.71 -6.50 1.50
CA ALA A 22 -0.55 -6.90 2.14
C ALA A 22 -0.46 -6.95 3.67
N GLY A 23 0.54 -6.26 4.21
CA GLY A 23 0.78 -6.21 5.63
C GLY A 23 1.57 -7.38 6.19
N PHE A 24 2.41 -8.01 5.37
CA PHE A 24 3.20 -9.12 5.84
C PHE A 24 4.71 -8.85 5.67
N PRO A 25 5.20 -7.72 6.20
CA PRO A 25 6.63 -7.38 6.09
C PRO A 25 7.59 -8.12 7.07
N ASN A 26 7.07 -8.56 8.21
CA ASN A 26 7.90 -9.24 9.18
C ASN A 26 7.01 -10.14 10.02
N PRO A 27 7.62 -11.10 10.72
CA PRO A 27 6.86 -12.11 11.47
C PRO A 27 5.89 -11.53 12.49
N ALA A 28 6.29 -10.48 13.18
CA ALA A 28 5.43 -9.85 14.18
C ALA A 28 4.19 -9.27 13.55
N ARG A 29 4.39 -8.54 12.46
CA ARG A 29 3.26 -7.94 11.78
C ARG A 29 2.41 -8.98 11.04
N ALA A 30 3.04 -10.07 10.56
CA ALA A 30 2.31 -11.20 9.94
C ALA A 30 1.34 -11.84 10.93
N LEU A 31 1.83 -12.09 12.14
CA LEU A 31 0.98 -12.64 13.22
C LEU A 31 -0.23 -11.73 13.50
N TYR A 32 0.04 -10.46 13.64
CA TYR A 32 -1.00 -9.48 13.86
C TYR A 32 -2.01 -9.44 12.70
N GLN A 33 -1.51 -9.37 11.46
CA GLN A 33 -2.38 -9.29 10.27
C GLN A 33 -3.30 -10.52 10.11
N THR A 34 -2.75 -11.71 10.36
CA THR A 34 -3.48 -12.95 10.22
C THR A 34 -4.64 -12.97 11.22
N VAL A 35 -4.35 -12.59 12.46
CA VAL A 35 -5.34 -12.52 13.52
C VAL A 35 -6.45 -11.56 13.11
N ARG A 36 -6.06 -10.37 12.67
CA ARG A 36 -7.08 -9.42 12.32
C ARG A 36 -7.87 -9.72 11.05
N GLU A 37 -7.26 -10.36 10.05
CA GLU A 37 -8.02 -10.80 8.89
C GLU A 37 -9.07 -11.83 9.26
N LEU A 38 -8.68 -12.83 10.07
CA LEU A 38 -9.66 -13.86 10.47
C LEU A 38 -10.78 -13.25 11.29
N ILE A 39 -10.45 -12.33 12.20
CA ILE A 39 -11.47 -11.71 13.05
C ILE A 39 -12.47 -10.87 12.24
N GLU A 40 -11.97 -10.06 11.33
CA GLU A 40 -12.81 -9.26 10.46
C GLU A 40 -13.73 -10.09 9.56
N ASN A 41 -13.22 -11.22 9.04
CA ASN A 41 -14.05 -12.15 8.26
C ASN A 41 -15.15 -12.74 9.12
N SER A 42 -14.82 -13.11 10.35
CA SER A 42 -15.81 -13.63 11.26
C SER A 42 -16.91 -12.61 11.58
N LEU A 43 -16.53 -11.37 11.82
CA LEU A 43 -17.51 -10.28 12.05
C LEU A 43 -18.36 -10.01 10.84
N ASP A 44 -17.74 -9.98 9.64
CA ASP A 44 -18.45 -9.84 8.37
C ASP A 44 -19.42 -11.03 8.11
N ALA A 45 -19.08 -12.23 8.60
CA ALA A 45 -19.97 -13.39 8.49
C ALA A 45 -21.11 -13.46 9.54
N THR A 46 -21.08 -12.54 10.52
CA THR A 46 -22.08 -12.57 11.59
C THR A 46 -22.96 -11.32 11.62
N ASP A 47 -22.39 -10.17 11.94
CA ASP A 47 -23.23 -9.00 12.14
C ASP A 47 -23.78 -8.40 10.85
N VAL A 48 -23.12 -8.64 9.72
CA VAL A 48 -23.66 -8.22 8.43
C VAL A 48 -25.00 -8.98 8.15
N HIS A 49 -25.16 -10.15 8.78
CA HIS A 49 -26.36 -10.97 8.59
C HIS A 49 -27.23 -11.03 9.82
N GLY A 50 -27.08 -10.05 10.71
CA GLY A 50 -28.00 -9.88 11.83
C GLY A 50 -27.73 -10.81 12.99
N ILE A 51 -26.59 -11.51 12.94
CA ILE A 51 -26.24 -12.47 13.96
C ILE A 51 -25.33 -11.80 15.02
N LEU A 52 -25.67 -12.01 16.32
CA LEU A 52 -24.80 -11.63 17.43
C LEU A 52 -23.54 -12.48 17.50
N PRO A 53 -22.38 -11.85 17.22
CA PRO A 53 -21.12 -12.59 17.04
C PRO A 53 -20.60 -13.18 18.31
N ASN A 54 -20.29 -14.47 18.27
CA ASN A 54 -19.51 -15.13 19.30
C ASN A 54 -18.20 -15.60 18.64
N ILE A 55 -17.08 -14.94 18.97
CA ILE A 55 -15.82 -15.25 18.27
C ILE A 55 -14.77 -15.80 19.20
N LYS A 56 -14.15 -16.92 18.80
CA LYS A 56 -13.08 -17.50 19.60
C LYS A 56 -11.79 -17.43 18.80
N ILE A 57 -10.76 -16.83 19.43
CA ILE A 57 -9.43 -16.73 18.84
C ILE A 57 -8.44 -17.50 19.69
N THR A 58 -7.72 -18.43 19.08
CA THR A 58 -6.58 -19.03 19.78
C THR A 58 -5.30 -18.88 18.97
N ILE A 59 -4.19 -18.63 19.66
CA ILE A 59 -2.88 -18.66 19.03
C ILE A 59 -1.99 -19.57 19.82
N ASP A 60 -1.49 -20.62 19.18
CA ASP A 60 -0.60 -21.57 19.82
C ASP A 60 0.80 -21.51 19.20
N LEU A 61 1.82 -21.63 20.05
CA LEU A 61 3.17 -21.85 19.57
C LEU A 61 3.31 -23.34 19.26
N ILE A 62 3.49 -23.65 17.97
CA ILE A 62 3.64 -25.02 17.48
C ILE A 62 5.11 -25.46 17.52
N ASP A 63 6.02 -24.52 17.25
CA ASP A 63 7.43 -24.87 17.13
C ASP A 63 8.28 -23.71 17.60
N ASP A 64 8.90 -23.92 18.75
CA ASP A 64 9.66 -22.86 19.39
C ASP A 64 10.84 -22.41 18.56
N ALA A 65 11.64 -23.36 18.06
CA ALA A 65 12.83 -23.02 17.26
C ALA A 65 12.47 -22.27 15.96
N ARG A 66 11.49 -22.78 15.21
CA ARG A 66 11.13 -22.13 13.95
C ARG A 66 10.18 -20.94 14.14
N GLN A 67 9.76 -20.71 15.38
CA GLN A 67 8.78 -19.68 15.70
C GLN A 67 7.53 -19.76 14.77
N ILE A 68 6.96 -20.97 14.64
CA ILE A 68 5.71 -21.15 13.92
C ILE A 68 4.54 -21.16 14.90
N TYR A 69 3.52 -20.35 14.59
CA TYR A 69 2.33 -20.25 15.40
C TYR A 69 1.14 -20.65 14.54
N LYS A 70 0.18 -21.31 15.16
CA LYS A 70 -1.06 -21.72 14.51
C LYS A 70 -2.16 -20.82 15.06
N VAL A 71 -2.74 -20.01 14.17
CA VAL A 71 -3.81 -19.09 14.55
C VAL A 71 -5.14 -19.78 14.17
N ASN A 72 -6.09 -19.82 15.11
CA ASN A 72 -7.40 -20.46 14.85
C ASN A 72 -8.48 -19.51 15.33
N VAL A 73 -9.38 -19.13 14.41
CA VAL A 73 -10.53 -18.32 14.77
C VAL A 73 -11.83 -19.10 14.42
N VAL A 74 -12.73 -19.18 15.39
CA VAL A 74 -14.00 -19.90 15.24
C VAL A 74 -15.14 -18.92 15.48
N ASP A 75 -16.13 -18.96 14.59
CA ASP A 75 -17.26 -18.04 14.71
C ASP A 75 -18.60 -18.76 14.56
N ASN A 76 -19.67 -18.02 14.81
CA ASN A 76 -21.04 -18.51 14.58
C ASN A 76 -21.66 -17.77 13.40
N GLY A 77 -20.85 -17.49 12.38
CA GLY A 77 -21.34 -16.83 11.16
C GLY A 77 -22.16 -17.73 10.22
N ILE A 78 -22.54 -17.19 9.06
CA ILE A 78 -23.35 -17.92 8.08
C ILE A 78 -22.66 -19.11 7.41
N GLY A 79 -21.40 -19.37 7.73
CA GLY A 79 -20.68 -20.40 7.02
C GLY A 79 -20.43 -20.07 5.54
N ILE A 80 -19.90 -21.04 4.81
CA ILE A 80 -19.57 -20.89 3.39
C ILE A 80 -20.05 -22.11 2.63
N PRO A 81 -20.73 -21.90 1.50
CA PRO A 81 -21.16 -23.05 0.68
C PRO A 81 -19.92 -23.83 0.31
N PRO A 82 -19.91 -25.14 0.56
CA PRO A 82 -18.72 -25.96 0.34
C PRO A 82 -18.13 -25.77 -1.04
N GLN A 83 -18.94 -25.56 -2.06
CA GLN A 83 -18.40 -25.40 -3.41
C GLN A 83 -17.58 -24.12 -3.57
N GLU A 84 -17.82 -23.13 -2.71
CA GLU A 84 -17.10 -21.86 -2.77
C GLU A 84 -15.85 -21.84 -1.91
N VAL A 85 -15.71 -22.81 -1.01
CA VAL A 85 -14.59 -22.79 -0.06
C VAL A 85 -13.20 -22.75 -0.71
N PRO A 86 -12.92 -23.61 -1.67
CA PRO A 86 -11.58 -23.58 -2.32
C PRO A 86 -11.24 -22.19 -2.92
N ASN A 87 -12.14 -21.56 -3.68
CA ASN A 87 -11.82 -20.24 -4.24
C ASN A 87 -11.79 -19.16 -3.14
N ALA A 88 -12.66 -19.29 -2.14
CA ALA A 88 -12.72 -18.28 -1.08
C ALA A 88 -11.41 -18.18 -0.31
N PHE A 89 -10.75 -19.31 -0.10
CA PHE A 89 -9.48 -19.27 0.61
C PHE A 89 -8.21 -19.40 -0.22
N GLY A 90 -8.35 -19.77 -1.50
CA GLY A 90 -7.21 -20.16 -2.28
C GLY A 90 -7.11 -19.53 -3.67
N ARG A 91 -7.95 -18.52 -3.94
CA ARG A 91 -7.90 -17.78 -5.20
C ARG A 91 -7.81 -16.28 -4.87
N VAL A 92 -6.67 -15.70 -5.17
CA VAL A 92 -6.44 -14.30 -4.85
C VAL A 92 -7.33 -13.40 -5.70
N LEU A 93 -7.91 -12.36 -5.07
CA LEU A 93 -8.90 -11.50 -5.70
C LEU A 93 -10.24 -12.23 -5.92
N TYR A 94 -10.74 -12.90 -4.89
CA TYR A 94 -12.01 -13.63 -4.96
C TYR A 94 -12.73 -13.25 -3.70
N SER A 95 -13.92 -12.68 -3.85
CA SER A 95 -14.64 -12.16 -2.69
C SER A 95 -16.16 -12.20 -2.90
N SER A 96 -16.90 -12.31 -1.78
CA SER A 96 -18.37 -12.18 -1.80
C SER A 96 -18.79 -10.74 -1.45
N LYS A 97 -17.79 -9.89 -1.24
CA LYS A 97 -18.06 -8.53 -0.79
C LYS A 97 -17.74 -7.45 -1.82
N TYR A 98 -17.51 -7.81 -3.06
CA TYR A 98 -17.39 -6.78 -4.12
C TYR A 98 -18.78 -6.34 -4.50
N VAL A 99 -19.51 -5.74 -3.58
CA VAL A 99 -20.80 -5.17 -3.89
C VAL A 99 -20.92 -3.89 -3.10
N ASN A 100 -21.94 -3.09 -3.41
CA ASN A 100 -22.06 -1.79 -2.75
C ASN A 100 -22.67 -1.77 -1.36
N ARG A 101 -21.91 -2.32 -0.41
CA ARG A 101 -22.40 -2.56 0.93
C ARG A 101 -21.21 -2.45 1.90
N GLN A 102 -21.41 -1.84 3.06
CA GLN A 102 -20.31 -1.66 4.02
C GLN A 102 -19.90 -2.98 4.66
N THR A 103 -18.66 -3.36 4.42
CA THR A 103 -18.07 -4.55 5.06
C THR A 103 -16.67 -4.21 5.44
N ARG A 104 -16.13 -5.00 6.36
CA ARG A 104 -14.72 -4.86 6.73
C ARG A 104 -13.81 -5.28 5.59
N GLY A 105 -14.13 -6.40 4.93
CA GLY A 105 -13.31 -6.92 3.85
C GLY A 105 -13.55 -6.10 2.61
N MSE A 106 -12.60 -6.04 1.69
CA MSE A 106 -12.81 -5.21 0.49
C MSE A 106 -11.98 -5.60 -0.72
O MSE A 106 -12.35 -5.28 -1.86
CB MSE A 106 -12.57 -3.79 0.83
CG MSE A 106 -11.17 -3.51 1.04
SE MSE A 106 -11.05 -1.72 1.41
CE MSE A 106 -11.65 -0.97 -0.23
N TYR A 107 -10.88 -6.29 -0.51
CA TYR A 107 -10.05 -6.64 -1.65
C TYR A 107 -10.18 -8.06 -2.14
N GLY A 108 -10.69 -8.94 -1.29
CA GLY A 108 -10.74 -10.35 -1.67
C GLY A 108 -9.32 -10.91 -1.67
N LEU A 109 -8.49 -10.35 -0.80
CA LEU A 109 -7.06 -10.63 -0.68
C LEU A 109 -6.74 -11.25 0.69
N GLY A 110 -7.23 -10.58 1.72
CA GLY A 110 -6.83 -10.79 3.09
C GLY A 110 -6.44 -12.18 3.53
N VAL A 111 -7.39 -13.09 3.62
CA VAL A 111 -7.04 -14.42 4.09
C VAL A 111 -6.09 -15.15 3.19
N LYS A 112 -6.15 -14.95 1.87
CA LYS A 112 -5.20 -15.58 0.95
C LYS A 112 -3.77 -15.07 1.19
N ALA A 113 -3.64 -13.81 1.61
CA ALA A 113 -2.29 -13.28 1.83
C ALA A 113 -1.70 -14.04 3.00
N ALA A 114 -2.54 -14.39 4.01
CA ALA A 114 -2.06 -15.24 5.11
C ALA A 114 -1.72 -16.65 4.64
N VAL A 115 -2.57 -17.21 3.80
CA VAL A 115 -2.32 -18.54 3.25
C VAL A 115 -1.00 -18.58 2.50
N LEU A 116 -0.72 -17.53 1.74
CA LEU A 116 0.54 -17.48 0.97
C LEU A 116 1.73 -17.41 1.87
N TYR A 117 1.65 -16.50 2.84
CA TYR A 117 2.73 -16.37 3.82
C TYR A 117 2.94 -17.71 4.51
N SER A 118 1.84 -18.40 4.80
CA SER A 118 1.88 -19.70 5.43
C SER A 118 2.72 -20.72 4.61
N GLN A 119 2.43 -20.87 3.31
CA GLN A 119 3.14 -21.88 2.51
C GLN A 119 4.54 -21.44 2.09
N MSE A 120 4.80 -20.14 2.12
CA MSE A 120 6.15 -19.65 1.83
C MSE A 120 7.15 -20.05 2.90
O MSE A 120 8.36 -20.07 2.65
CB MSE A 120 6.17 -18.14 1.67
CG MSE A 120 5.37 -17.65 0.41
SE MSE A 120 4.79 -15.74 0.70
CE MSE A 120 6.44 -15.21 1.03
N HIS A 121 6.64 -20.40 4.09
CA HIS A 121 7.52 -20.60 5.24
C HIS A 121 7.39 -21.93 6.01
N GLN A 122 6.29 -22.63 5.85
CA GLN A 122 6.12 -23.93 6.51
C GLN A 122 5.26 -24.82 5.63
N ASP A 123 5.03 -26.08 6.01
CA ASP A 123 4.45 -27.03 5.05
C ASP A 123 3.06 -27.60 5.39
N LYS A 124 2.41 -27.10 6.43
CA LYS A 124 1.05 -27.59 6.70
C LYS A 124 -0.02 -26.72 6.02
N PRO A 125 -0.99 -27.38 5.38
CA PRO A 125 -2.05 -26.68 4.64
C PRO A 125 -2.88 -25.89 5.63
N ILE A 126 -3.63 -24.90 5.16
CA ILE A 126 -4.59 -24.26 6.03
C ILE A 126 -5.82 -25.22 6.21
N GLU A 127 -6.50 -25.07 7.33
CA GLU A 127 -7.58 -25.98 7.69
C GLU A 127 -8.87 -25.21 7.85
N ILE A 128 -9.88 -25.61 7.09
CA ILE A 128 -11.17 -24.94 7.14
C ILE A 128 -12.26 -25.95 7.53
N GLU A 129 -13.13 -25.53 8.46
CA GLU A 129 -14.29 -26.31 8.82
C GLU A 129 -15.49 -25.40 8.78
N THR A 130 -16.53 -25.79 8.06
CA THR A 130 -17.66 -24.89 7.95
C THR A 130 -19.00 -25.60 7.83
N SER A 131 -20.03 -24.99 8.39
CA SER A 131 -21.40 -25.44 8.18
C SER A 131 -22.32 -24.25 7.95
N PRO A 132 -22.80 -24.08 6.74
CA PRO A 132 -23.77 -23.02 6.46
C PRO A 132 -25.05 -23.19 7.28
N VAL A 133 -25.79 -22.09 7.40
CA VAL A 133 -27.10 -22.09 8.05
C VAL A 133 -28.00 -23.18 7.46
N ASN A 134 -28.62 -23.97 8.34
CA ASN A 134 -29.52 -25.08 7.94
C ASN A 134 -28.84 -26.28 7.28
N SER A 135 -27.51 -26.24 7.09
CA SER A 135 -26.82 -27.35 6.46
C SER A 135 -26.79 -28.52 7.41
N LYS A 136 -27.03 -29.69 6.85
CA LYS A 136 -27.04 -30.90 7.64
C LYS A 136 -25.63 -31.41 7.88
N ARG A 137 -24.63 -30.74 7.29
CA ARG A 137 -23.26 -31.25 7.28
C ARG A 137 -22.21 -30.21 7.71
N ILE A 138 -21.07 -30.73 8.19
CA ILE A 138 -19.92 -29.92 8.48
C ILE A 138 -18.83 -30.31 7.49
N TYR A 139 -18.45 -29.35 6.65
CA TYR A 139 -17.51 -29.61 5.58
C TYR A 139 -16.11 -29.23 6.05
N THR A 140 -15.16 -30.11 5.82
CA THR A 140 -13.78 -29.84 6.18
C THR A 140 -12.91 -29.79 4.94
N PHE A 141 -11.91 -28.91 4.99
CA PHE A 141 -11.01 -28.74 3.87
C PHE A 141 -9.59 -28.51 4.38
N LYS A 142 -8.62 -29.01 3.64
CA LYS A 142 -7.24 -28.59 3.78
C LYS A 142 -6.81 -28.08 2.42
N LEU A 143 -6.20 -26.90 2.39
CA LEU A 143 -5.98 -26.20 1.12
C LEU A 143 -4.57 -25.62 1.02
N LYS A 144 -4.07 -25.58 -0.20
CA LYS A 144 -2.90 -24.77 -0.56
C LYS A 144 -3.27 -23.91 -1.76
N ILE A 145 -2.37 -23.00 -2.15
CA ILE A 145 -2.58 -22.22 -3.35
C ILE A 145 -1.53 -22.61 -4.38
N ASP A 146 -1.96 -22.81 -5.62
CA ASP A 146 -1.03 -22.97 -6.74
C ASP A 146 -0.74 -21.56 -7.22
N ILE A 147 0.39 -21.01 -6.80
CA ILE A 147 0.71 -19.60 -7.05
C ILE A 147 0.68 -19.23 -8.52
N ASN A 148 1.28 -20.09 -9.35
CA ASN A 148 1.36 -19.81 -10.77
C ASN A 148 -0.01 -19.68 -11.41
N LYS A 149 -0.92 -20.58 -11.07
CA LYS A 149 -2.22 -20.53 -11.72
C LYS A 149 -3.16 -19.60 -10.95
N ASN A 150 -2.77 -19.24 -9.71
CA ASN A 150 -3.67 -18.52 -8.78
C ASN A 150 -4.94 -19.36 -8.57
N GLU A 151 -4.78 -20.64 -8.25
CA GLU A 151 -5.94 -21.47 -7.97
C GLU A 151 -5.73 -22.39 -6.74
N PRO A 152 -6.81 -22.75 -6.08
CA PRO A 152 -6.73 -23.63 -4.90
C PRO A 152 -6.28 -25.03 -5.26
N ILE A 153 -5.50 -25.62 -4.36
CA ILE A 153 -5.23 -27.05 -4.39
C ILE A 153 -5.97 -27.66 -3.19
N ILE A 154 -6.88 -28.59 -3.48
CA ILE A 154 -7.59 -29.29 -2.43
C ILE A 154 -6.73 -30.44 -1.99
N VAL A 155 -6.09 -30.30 -0.84
CA VAL A 155 -5.21 -31.34 -0.32
C VAL A 155 -6.05 -32.46 0.32
N GLU A 156 -7.06 -32.06 1.09
CA GLU A 156 -8.02 -32.96 1.72
C GLU A 156 -9.37 -32.27 1.74
N ARG A 157 -10.43 -33.05 1.63
CA ARG A 157 -11.79 -32.55 1.69
C ARG A 157 -12.64 -33.65 2.30
N GLY A 158 -13.47 -33.30 3.27
CA GLY A 158 -14.28 -34.27 3.96
C GLY A 158 -15.56 -33.65 4.44
N SER A 159 -16.39 -34.49 5.05
CA SER A 159 -17.72 -34.11 5.47
C SER A 159 -18.12 -34.95 6.66
N VAL A 160 -18.93 -34.38 7.53
CA VAL A 160 -19.37 -35.03 8.74
C VAL A 160 -20.80 -34.58 9.01
N GLU A 161 -21.60 -35.45 9.62
CA GLU A 161 -22.97 -35.12 9.96
C GLU A 161 -22.99 -34.04 11.03
N ASN A 162 -23.78 -32.99 10.81
CA ASN A 162 -23.92 -31.91 11.78
C ASN A 162 -25.07 -32.24 12.74
N THR A 163 -24.77 -33.02 13.78
CA THR A 163 -25.81 -33.57 14.64
C THR A 163 -26.36 -32.51 15.59
N ARG A 164 -25.72 -31.34 15.61
CA ARG A 164 -26.07 -30.33 16.60
C ARG A 164 -26.58 -29.02 16.05
N GLY A 165 -26.81 -28.95 14.74
CA GLY A 165 -27.46 -27.79 14.14
C GLY A 165 -26.61 -26.50 14.13
N PHE A 166 -25.34 -26.64 14.53
CA PHE A 166 -24.35 -25.57 14.49
C PHE A 166 -24.20 -24.94 13.10
N HIS A 167 -24.09 -23.60 13.05
CA HIS A 167 -23.60 -22.89 11.86
C HIS A 167 -22.39 -21.95 12.15
N GLY A 168 -21.46 -21.87 11.21
CA GLY A 168 -20.27 -21.05 11.41
C GLY A 168 -19.07 -21.64 10.74
N THR A 169 -17.89 -21.11 11.06
CA THR A 169 -16.66 -21.48 10.39
C THR A 169 -15.47 -21.47 11.36
N SER A 170 -14.55 -22.39 11.15
CA SER A 170 -13.30 -22.43 11.87
C SER A 170 -12.19 -22.36 10.82
N VAL A 171 -11.28 -21.41 10.98
CA VAL A 171 -10.15 -21.28 10.08
C VAL A 171 -8.89 -21.32 10.91
N ALA A 172 -7.95 -22.17 10.50
CA ALA A 172 -6.70 -22.36 11.24
C ALA A 172 -5.55 -22.35 10.26
N ILE A 173 -4.54 -21.52 10.57
CA ILE A 173 -3.41 -21.28 9.65
C ILE A 173 -2.11 -21.24 10.43
N SER A 174 -1.08 -21.91 9.94
CA SER A 174 0.21 -21.88 10.64
C SER A 174 1.17 -20.98 9.88
N ILE A 175 1.78 -20.05 10.62
CA ILE A 175 2.66 -19.04 10.04
C ILE A 175 3.81 -18.71 10.98
N PRO A 176 4.91 -18.18 10.41
CA PRO A 176 5.97 -17.58 11.22
C PRO A 176 5.35 -16.43 12.01
N GLY A 177 5.80 -16.23 13.25
CA GLY A 177 5.26 -15.11 14.00
C GLY A 177 6.28 -14.63 14.98
N ASP A 178 5.93 -13.58 15.70
CA ASP A 178 6.78 -13.07 16.79
C ASP A 178 5.89 -12.53 17.89
N TRP A 179 5.48 -13.41 18.81
CA TRP A 179 4.49 -13.06 19.80
C TRP A 179 4.90 -11.90 20.72
N PRO A 180 6.12 -11.92 21.28
CA PRO A 180 6.52 -10.84 22.18
C PRO A 180 6.44 -9.44 21.55
N LYS A 181 6.73 -9.31 20.26
CA LYS A 181 6.64 -8.01 19.59
C LYS A 181 5.22 -7.66 19.12
N ALA A 182 4.44 -8.65 18.72
CA ALA A 182 3.08 -8.43 18.25
C ALA A 182 2.05 -8.32 19.40
N LYS A 183 2.45 -8.76 20.59
CA LYS A 183 1.52 -9.00 21.70
C LYS A 183 0.64 -7.81 22.06
N SER A 184 1.27 -6.68 22.35
CA SER A 184 0.55 -5.53 22.84
C SER A 184 -0.40 -4.98 21.77
N ARG A 185 -0.04 -5.10 20.49
CA ARG A 185 -0.93 -4.60 19.46
C ARG A 185 -2.09 -5.53 19.18
N ILE A 186 -1.86 -6.86 19.28
CA ILE A 186 -2.93 -7.82 19.09
C ILE A 186 -3.97 -7.65 20.21
N TYR A 187 -3.49 -7.45 21.44
CA TYR A 187 -4.41 -7.23 22.55
C TYR A 187 -5.18 -5.93 22.36
N GLU A 188 -4.47 -4.88 21.91
CA GLU A 188 -5.10 -3.58 21.74
C GLU A 188 -6.13 -3.62 20.61
N TYR A 189 -5.85 -4.40 19.58
CA TYR A 189 -6.78 -4.53 18.44
C TYR A 189 -8.06 -5.17 18.96
N ILE A 190 -7.91 -6.24 19.75
CA ILE A 190 -9.10 -6.96 20.21
C ILE A 190 -9.92 -6.11 21.19
N LYS A 191 -9.22 -5.41 22.08
CA LYS A 191 -9.88 -4.55 23.06
C LYS A 191 -10.63 -3.40 22.38
N ARG A 192 -9.97 -2.75 21.44
CA ARG A 192 -10.61 -1.70 20.65
C ARG A 192 -11.82 -2.16 19.90
N THR A 193 -11.77 -3.35 19.30
CA THR A 193 -12.97 -3.74 18.55
C THR A 193 -14.12 -4.04 19.47
N TYR A 194 -13.82 -4.68 20.59
CA TYR A 194 -14.80 -5.01 21.61
C TYR A 194 -15.53 -3.77 22.14
N ILE A 195 -14.78 -2.71 22.42
CA ILE A 195 -15.39 -1.50 22.97
C ILE A 195 -16.42 -0.89 22.02
N ILE A 196 -16.20 -0.99 20.71
CA ILE A 196 -17.19 -0.50 19.78
C ILE A 196 -18.10 -1.61 19.24
N THR A 197 -17.93 -2.83 19.74
CA THR A 197 -18.80 -3.93 19.31
C THR A 197 -19.34 -4.64 20.57
N PRO A 198 -20.15 -3.94 21.37
CA PRO A 198 -20.62 -4.48 22.63
C PRO A 198 -21.65 -5.63 22.46
N TYR A 199 -22.14 -5.84 21.24
CA TYR A 199 -23.15 -6.88 20.98
C TYR A 199 -22.45 -8.18 20.62
N ALA A 200 -21.13 -8.15 20.63
CA ALA A 200 -20.32 -9.31 20.29
C ALA A 200 -19.73 -9.89 21.54
N GLU A 201 -19.40 -11.16 21.50
CA GLU A 201 -18.67 -11.78 22.62
C GLU A 201 -17.40 -12.37 22.08
N PHE A 202 -16.29 -12.11 22.77
CA PHE A 202 -14.99 -12.66 22.36
C PHE A 202 -14.39 -13.52 23.45
N ILE A 203 -13.69 -14.58 23.05
CA ILE A 203 -12.78 -15.30 23.94
C ILE A 203 -11.42 -15.37 23.25
N PHE A 204 -10.37 -14.99 23.97
CA PHE A 204 -9.01 -14.96 23.42
C PHE A 204 -8.02 -15.77 24.25
N LYS A 205 -7.50 -16.85 23.68
CA LYS A 205 -6.42 -17.60 24.31
C LYS A 205 -5.09 -17.38 23.58
N ASP A 206 -4.11 -16.77 24.28
CA ASP A 206 -2.82 -16.41 23.66
C ASP A 206 -1.74 -17.52 23.76
N PRO A 207 -0.60 -17.34 23.09
CA PRO A 207 0.45 -18.38 23.06
C PRO A 207 1.01 -18.72 24.44
N GLU A 208 0.73 -17.87 25.43
CA GLU A 208 1.25 -18.10 26.80
C GLU A 208 0.25 -18.89 27.62
N GLY A 209 -0.88 -19.22 27.01
CA GLY A 209 -1.95 -19.89 27.72
C GLY A 209 -2.85 -18.96 28.53
N ASN A 210 -2.63 -17.64 28.44
CA ASN A 210 -3.59 -16.68 29.01
C ASN A 210 -4.94 -16.70 28.27
N VAL A 211 -6.03 -16.60 29.02
CA VAL A 211 -7.34 -16.49 28.42
C VAL A 211 -7.98 -15.20 28.88
N THR A 212 -8.56 -14.46 27.93
CA THR A 212 -9.35 -13.27 28.27
C THR A 212 -10.76 -13.43 27.72
N TYR A 213 -11.73 -12.99 28.50
CA TYR A 213 -13.13 -13.10 28.12
C TYR A 213 -13.69 -11.71 27.98
N TYR A 214 -14.40 -11.48 26.88
CA TYR A 214 -14.97 -10.18 26.60
C TYR A 214 -16.47 -10.42 26.44
N PRO A 215 -17.25 -10.23 27.51
CA PRO A 215 -18.69 -10.57 27.51
C PRO A 215 -19.53 -9.62 26.68
N ARG A 216 -20.53 -10.18 25.99
CA ARG A 216 -21.57 -9.42 25.30
C ARG A 216 -22.20 -8.46 26.33
N LEU A 217 -22.32 -7.18 26.00
CA LEU A 217 -22.96 -6.24 26.93
C LEU A 217 -24.34 -5.81 26.50
N THR A 218 -24.67 -6.04 25.24
CA THR A 218 -26.02 -5.77 24.77
C THR A 218 -26.42 -6.82 23.74
N ASN A 219 -27.72 -7.13 23.70
CA ASN A 219 -28.24 -8.11 22.74
C ASN A 219 -28.96 -7.49 21.54
N LYS A 220 -28.84 -6.18 21.40
CA LYS A 220 -29.35 -5.48 20.23
C LYS A 220 -28.22 -5.41 19.19
N ILE A 221 -28.51 -5.89 17.98
CA ILE A 221 -27.56 -5.81 16.89
C ILE A 221 -27.95 -4.57 16.09
N PRO A 222 -26.97 -3.79 15.64
CA PRO A 222 -27.28 -2.65 14.76
C PRO A 222 -27.91 -3.18 13.46
N LYS A 223 -28.68 -2.33 12.80
CA LYS A 223 -29.33 -2.70 11.57
C LYS A 223 -28.25 -2.98 10.52
N PRO A 224 -28.22 -4.21 9.99
CA PRO A 224 -27.20 -4.57 9.00
C PRO A 224 -27.24 -3.65 7.82
N PRO A 225 -26.08 -3.28 7.29
CA PRO A 225 -26.00 -2.51 6.05
C PRO A 225 -26.60 -3.34 4.90
N GLN A 226 -27.27 -2.67 3.96
CA GLN A 226 -27.84 -3.31 2.77
C GLN A 226 -27.12 -2.84 1.51
N GLU A 227 -27.14 -3.67 0.46
CA GLU A 227 -26.55 -3.29 -0.83
C GLU A 227 -27.37 -2.14 -1.42
N VAL A 228 -26.70 -1.10 -1.88
CA VAL A 228 -27.40 0.03 -2.48
C VAL A 228 -26.84 0.34 -3.88
N LYS A 229 -27.55 1.17 -4.63
CA LYS A 229 -27.10 1.62 -5.93
C LYS A 229 -26.09 2.75 -5.69
N PRO A 230 -25.19 2.97 -6.63
CA PRO A 230 -24.23 4.07 -6.50
C PRO A 230 -24.96 5.45 -6.50
N HIS A 231 -24.41 6.37 -5.73
CA HIS A 231 -24.77 7.77 -5.81
C HIS A 231 -23.96 8.32 -7.00
N PRO A 232 -24.54 9.22 -7.79
CA PRO A 232 -23.88 9.73 -9.01
C PRO A 232 -22.59 10.50 -8.81
N TYR A 233 -22.46 11.22 -7.69
CA TYR A 233 -21.32 12.10 -7.51
C TYR A 233 -19.97 11.35 -7.45
N GLY A 234 -19.11 11.58 -8.44
CA GLY A 234 -17.79 10.94 -8.53
C GLY A 234 -17.76 9.58 -9.26
N VAL A 235 -18.91 9.10 -9.76
CA VAL A 235 -18.92 7.87 -10.58
C VAL A 235 -18.06 8.15 -11.79
N ASP A 236 -17.06 7.29 -12.07
CA ASP A 236 -16.14 7.54 -13.19
C ASP A 236 -16.55 6.86 -14.51
N ARG A 237 -15.74 6.99 -15.55
CA ARG A 237 -16.15 6.51 -16.89
C ARG A 237 -16.23 4.99 -16.98
N GLU A 238 -15.28 4.31 -16.33
CA GLU A 238 -15.24 2.87 -16.42
C GLU A 238 -16.47 2.29 -15.71
N GLU A 239 -16.84 2.92 -14.59
CA GLU A 239 -18.02 2.54 -13.80
C GLU A 239 -19.33 2.73 -14.59
N ILE A 240 -19.47 3.88 -15.26
CA ILE A 240 -20.59 4.09 -16.18
C ILE A 240 -20.68 2.94 -17.18
N LYS A 241 -19.53 2.53 -17.72
CA LYS A 241 -19.50 1.43 -18.67
C LYS A 241 -19.92 0.10 -18.03
N ILE A 242 -19.39 -0.20 -16.85
CA ILE A 242 -19.81 -1.38 -16.10
C ILE A 242 -21.33 -1.37 -15.93
N LEU A 243 -21.87 -0.23 -15.52
CA LEU A 243 -23.31 -0.16 -15.25
C LEU A 243 -24.12 -0.44 -16.53
N ILE A 244 -23.71 0.19 -17.62
CA ILE A 244 -24.37 -0.01 -18.88
C ILE A 244 -24.32 -1.48 -19.25
N ASN A 245 -23.13 -2.08 -19.15
CA ASN A 245 -22.94 -3.47 -19.56
C ASN A 245 -23.74 -4.51 -18.78
N ASN A 246 -23.94 -4.28 -17.48
CA ASN A 246 -24.79 -5.16 -16.68
C ASN A 246 -26.28 -4.99 -16.93
N LEU A 247 -26.69 -4.02 -17.75
CA LEU A 247 -28.10 -3.80 -18.03
C LEU A 247 -28.72 -5.01 -18.68
N LYS A 248 -29.93 -5.38 -18.24
CA LYS A 248 -30.67 -6.46 -18.86
C LYS A 248 -31.79 -5.92 -19.71
N ARG A 249 -32.02 -4.61 -19.61
CA ARG A 249 -33.04 -3.93 -20.39
C ARG A 249 -32.41 -2.95 -21.38
N ASP A 250 -33.16 -2.60 -22.42
CA ASP A 250 -32.73 -1.64 -23.43
C ASP A 250 -33.10 -0.20 -23.03
N TYR A 251 -32.57 0.23 -21.88
CA TYR A 251 -32.91 1.52 -21.28
C TYR A 251 -32.54 2.73 -22.17
N THR A 252 -33.37 3.78 -22.14
CA THR A 252 -32.91 5.09 -22.62
C THR A 252 -31.91 5.67 -21.60
N ILE A 253 -31.27 6.78 -21.95
CA ILE A 253 -30.40 7.46 -21.00
C ILE A 253 -31.17 7.92 -19.76
N LYS A 254 -32.33 8.55 -19.97
CA LYS A 254 -33.18 8.96 -18.85
C LYS A 254 -33.50 7.79 -17.91
N GLU A 255 -33.90 6.65 -18.48
CA GLU A 255 -34.25 5.47 -17.68
C GLU A 255 -33.05 4.94 -16.89
N PHE A 256 -31.89 4.94 -17.54
CA PHE A 256 -30.64 4.57 -16.94
C PHE A 256 -30.39 5.37 -15.67
N LEU A 257 -30.50 6.71 -15.78
CA LEU A 257 -30.22 7.60 -14.66
C LEU A 257 -31.16 7.38 -13.47
N VAL A 258 -32.46 7.25 -13.75
CA VAL A 258 -33.46 7.09 -12.68
C VAL A 258 -33.43 5.71 -12.06
N ASN A 259 -33.09 4.70 -12.84
CA ASN A 259 -33.06 3.33 -12.36
C ASN A 259 -31.74 2.86 -11.75
N GLU A 260 -30.61 3.39 -12.22
CA GLU A 260 -29.32 2.83 -11.83
C GLU A 260 -28.62 3.54 -10.66
N PHE A 261 -29.15 4.67 -10.24
CA PHE A 261 -28.48 5.51 -9.25
C PHE A 261 -29.42 5.85 -8.09
N GLN A 262 -28.81 6.22 -6.95
CA GLN A 262 -29.50 6.89 -5.86
C GLN A 262 -29.65 8.35 -6.22
N SER A 263 -30.55 9.03 -5.51
CA SER A 263 -30.75 10.48 -5.60
C SER A 263 -31.00 11.01 -7.00
N ILE A 264 -31.51 10.18 -7.88
CA ILE A 264 -31.97 10.69 -9.15
C ILE A 264 -33.41 10.30 -9.34
N GLY A 265 -34.28 11.31 -9.40
CA GLY A 265 -35.67 11.14 -9.86
C GLY A 265 -35.83 11.74 -11.25
N ASP A 266 -37.07 11.81 -11.73
CA ASP A 266 -37.37 12.27 -13.08
C ASP A 266 -36.88 13.70 -13.34
N THR A 267 -37.05 14.57 -12.35
CA THR A 267 -36.71 16.00 -12.50
C THR A 267 -35.20 16.21 -12.54
N THR A 268 -34.51 15.61 -11.56
CA THR A 268 -33.05 15.63 -11.49
C THR A 268 -32.40 15.01 -12.75
N ALA A 269 -32.99 13.94 -13.26
CA ALA A 269 -32.54 13.36 -14.53
C ALA A 269 -32.65 14.34 -15.68
N ASP A 270 -33.78 15.04 -15.79
CA ASP A 270 -34.02 15.97 -16.89
C ASP A 270 -32.95 17.04 -16.91
N LYS A 271 -32.66 17.56 -15.73
CA LYS A 271 -31.66 18.61 -15.57
C LYS A 271 -30.28 18.08 -15.91
N ILE A 272 -30.01 16.83 -15.51
CA ILE A 272 -28.72 16.23 -15.81
C ILE A 272 -28.54 16.00 -17.31
N LEU A 273 -29.60 15.53 -17.96
CA LEU A 273 -29.56 15.34 -19.40
C LEU A 273 -29.33 16.67 -20.13
N GLU A 274 -29.98 17.73 -19.65
CA GLU A 274 -29.80 19.05 -20.22
C GLU A 274 -28.37 19.56 -20.09
N LEU A 275 -27.84 19.53 -18.87
CA LEU A 275 -26.47 20.01 -18.61
C LEU A 275 -25.39 19.20 -19.34
N ALA A 276 -25.64 17.90 -19.52
CA ALA A 276 -24.66 17.03 -20.16
C ALA A 276 -24.79 17.04 -21.68
N GLY A 277 -25.82 17.72 -22.18
CA GLY A 277 -26.13 17.72 -23.61
C GLY A 277 -26.49 16.36 -24.15
N LEU A 278 -27.32 15.63 -23.42
CA LEU A 278 -27.68 14.28 -23.82
C LEU A 278 -29.16 14.15 -24.12
N LYS A 279 -29.45 13.41 -25.19
CA LYS A 279 -30.83 13.18 -25.63
C LYS A 279 -31.52 12.15 -24.73
N PRO A 280 -32.53 12.59 -24.00
CA PRO A 280 -33.21 11.72 -23.01
C PRO A 280 -33.65 10.36 -23.59
N ASN A 281 -34.00 10.35 -24.87
CA ASN A 281 -34.59 9.17 -25.50
C ASN A 281 -33.58 8.20 -26.09
N LYS A 282 -32.37 8.70 -26.33
CA LYS A 282 -31.27 7.87 -26.82
C LYS A 282 -31.09 6.64 -25.94
N LYS A 283 -30.84 5.50 -26.55
CA LYS A 283 -30.59 4.30 -25.78
C LYS A 283 -29.17 4.34 -25.22
N VAL A 284 -29.08 4.07 -23.92
CA VAL A 284 -27.84 4.24 -23.18
C VAL A 284 -26.74 3.32 -23.68
N LYS A 285 -27.13 2.17 -24.25
CA LYS A 285 -26.16 1.25 -24.88
C LYS A 285 -25.38 1.89 -26.05
N ASN A 286 -25.87 3.01 -26.56
CA ASN A 286 -25.23 3.68 -27.70
C ASN A 286 -24.39 4.89 -27.32
N LEU A 287 -24.27 5.16 -26.01
CA LEU A 287 -23.47 6.29 -25.53
C LEU A 287 -22.07 6.21 -26.11
N THR A 288 -21.58 7.34 -26.61
CA THR A 288 -20.22 7.39 -27.14
C THR A 288 -19.21 7.67 -26.02
N GLU A 289 -17.95 7.33 -26.26
CA GLU A 289 -16.90 7.67 -25.33
C GLU A 289 -17.03 9.11 -24.84
N GLU A 290 -17.32 10.04 -25.74
CA GLU A 290 -17.37 11.46 -25.40
C GLU A 290 -18.59 11.85 -24.56
N GLU A 291 -19.74 11.23 -24.88
CA GLU A 291 -20.96 11.39 -24.08
C GLU A 291 -20.81 10.89 -22.62
N ILE A 292 -20.10 9.77 -22.46
CA ILE A 292 -19.81 9.21 -21.15
C ILE A 292 -18.97 10.20 -20.35
N THR A 293 -18.03 10.85 -21.01
CA THR A 293 -17.25 11.86 -20.36
C THR A 293 -18.12 13.02 -19.90
N ARG A 294 -19.07 13.42 -20.74
CA ARG A 294 -19.98 14.52 -20.42
C ARG A 294 -20.86 14.17 -19.23
N LEU A 295 -21.38 12.95 -19.19
CA LEU A 295 -22.17 12.51 -18.05
C LEU A 295 -21.33 12.65 -16.82
N VAL A 296 -20.11 12.13 -16.88
CA VAL A 296 -19.28 12.02 -15.69
C VAL A 296 -18.90 13.39 -15.14
N GLU A 297 -18.60 14.33 -16.03
CA GLU A 297 -18.26 15.68 -15.60
C GLU A 297 -19.49 16.34 -15.01
N THR A 298 -20.65 16.07 -15.61
CA THR A 298 -21.88 16.65 -15.15
C THR A 298 -22.19 16.11 -13.76
N PHE A 299 -22.03 14.81 -13.57
CA PHE A 299 -22.16 14.21 -12.26
C PHE A 299 -21.23 14.92 -11.29
N LYS A 300 -20.00 15.17 -11.74
CA LYS A 300 -18.98 15.77 -10.90
C LYS A 300 -19.27 17.21 -10.48
N LYS A 301 -19.90 17.98 -11.36
CA LYS A 301 -20.14 19.40 -11.10
C LYS A 301 -21.56 19.77 -10.58
N TYR A 302 -22.53 18.87 -10.75
CA TYR A 302 -23.91 19.17 -10.36
C TYR A 302 -24.01 19.42 -8.85
N GLU A 303 -24.66 20.51 -8.46
CA GLU A 303 -24.61 20.94 -7.06
C GLU A 303 -25.90 20.65 -6.29
N ASP A 304 -26.86 20.04 -6.99
CA ASP A 304 -28.19 19.87 -6.42
C ASP A 304 -28.57 18.39 -6.15
N PHE A 305 -27.59 17.52 -6.02
CA PHE A 305 -27.88 16.12 -5.68
C PHE A 305 -28.25 16.03 -4.25
N ARG A 306 -29.28 15.24 -3.95
CA ARG A 306 -29.60 14.85 -2.58
C ARG A 306 -28.50 13.93 -2.03
N SER A 307 -28.23 14.05 -0.73
CA SER A 307 -27.29 13.18 -0.03
C SER A 307 -27.78 11.75 -0.17
N PRO A 308 -26.86 10.79 -0.15
CA PRO A 308 -27.24 9.38 -0.16
C PRO A 308 -27.88 9.01 1.18
N SER A 309 -28.62 7.91 1.23
CA SER A 309 -29.11 7.35 2.49
C SER A 309 -27.95 6.69 3.26
N ALA A 310 -28.16 6.43 4.55
CA ALA A 310 -27.18 5.67 5.34
C ALA A 310 -27.49 4.15 5.39
N ASP A 311 -28.42 3.69 4.54
CA ASP A 311 -28.87 2.30 4.56
C ASP A 311 -27.71 1.35 4.26
N SER A 312 -26.73 1.82 3.49
CA SER A 312 -25.59 0.98 3.17
C SER A 312 -24.52 1.07 4.23
N LEU A 313 -24.76 1.85 5.28
CA LEU A 313 -23.70 2.07 6.27
C LEU A 313 -24.07 1.57 7.67
N SER A 314 -23.04 1.30 8.49
CA SER A 314 -23.28 0.95 9.87
C SER A 314 -22.37 1.77 10.78
N VAL A 315 -22.96 2.71 11.52
CA VAL A 315 -22.20 3.60 12.39
C VAL A 315 -22.00 3.04 13.81
N ILE A 316 -20.97 3.53 14.49
CA ILE A 316 -20.83 3.23 15.92
C ILE A 316 -21.90 3.99 16.69
N GLY A 317 -22.11 5.26 16.32
CA GLY A 317 -23.18 6.08 16.89
C GLY A 317 -22.71 6.91 18.06
N GLU A 318 -23.26 8.11 18.20
CA GLU A 318 -22.82 9.04 19.22
C GLU A 318 -22.79 8.49 20.65
N ASP A 319 -23.90 7.85 21.06
CA ASP A 319 -24.02 7.31 22.43
C ASP A 319 -22.87 6.33 22.78
N LEU A 320 -22.58 5.39 21.87
CA LEU A 320 -21.51 4.41 22.08
C LEU A 320 -20.12 5.06 22.05
N ILE A 321 -19.90 6.00 21.13
CA ILE A 321 -18.59 6.64 21.06
C ILE A 321 -18.22 7.30 22.39
N GLU A 322 -19.19 8.02 22.95
CA GLU A 322 -19.01 8.73 24.20
C GLU A 322 -18.87 7.76 25.36
N LEU A 323 -19.72 6.73 25.37
CA LEU A 323 -19.66 5.75 26.42
C LEU A 323 -18.30 5.09 26.43
N GLY A 324 -17.81 4.73 25.24
CA GLY A 324 -16.52 4.06 25.12
C GLY A 324 -15.35 4.98 25.53
N LEU A 325 -15.41 6.22 25.11
CA LEU A 325 -14.35 7.15 25.50
C LEU A 325 -14.35 7.29 27.05
N LYS A 326 -15.51 7.35 27.67
CA LYS A 326 -15.56 7.52 29.13
C LYS A 326 -15.02 6.29 29.86
N LYS A 327 -15.40 5.11 29.40
CA LYS A 327 -15.04 3.88 30.05
C LYS A 327 -13.52 3.70 30.08
N ILE A 328 -12.88 3.98 28.94
CA ILE A 328 -11.45 3.73 28.77
C ILE A 328 -10.57 4.84 29.39
N PHE A 329 -11.00 6.09 29.20
CA PHE A 329 -10.14 7.24 29.51
C PHE A 329 -10.58 8.01 30.75
N ASN A 330 -11.81 7.78 31.21
CA ASN A 330 -12.36 8.50 32.35
C ASN A 330 -12.03 9.99 32.27
N PRO A 331 -12.45 10.64 31.19
CA PRO A 331 -12.16 12.08 30.98
C PRO A 331 -13.05 12.96 31.86
N ASP A 332 -12.71 14.24 31.95
CA ASP A 332 -13.58 15.24 32.59
C ASP A 332 -14.68 15.70 31.64
N PHE A 333 -14.43 15.55 30.33
CA PHE A 333 -15.41 15.91 29.31
C PHE A 333 -15.26 14.97 28.12
N ALA A 334 -16.38 14.64 27.48
CA ALA A 334 -16.34 13.99 26.19
C ALA A 334 -17.53 14.41 25.34
N ALA A 335 -17.34 14.40 24.04
CA ALA A 335 -18.40 14.76 23.12
C ALA A 335 -18.19 13.97 21.84
N SER A 336 -19.24 13.88 21.03
CA SER A 336 -19.16 13.08 19.83
C SER A 336 -20.14 13.60 18.80
N ILE A 337 -19.90 13.22 17.55
CA ILE A 337 -20.80 13.58 16.44
C ILE A 337 -20.81 12.46 15.41
N THR A 338 -22.01 12.06 15.01
CA THR A 338 -22.18 11.23 13.85
C THR A 338 -22.72 12.12 12.76
N ARG A 339 -21.91 12.43 11.76
CA ARG A 339 -22.34 13.36 10.70
C ARG A 339 -23.31 12.75 9.72
N LYS A 340 -24.02 13.61 8.99
CA LYS A 340 -24.89 13.18 7.90
C LYS A 340 -24.05 12.57 6.76
N PRO A 341 -24.63 11.61 6.03
CA PRO A 341 -23.92 10.95 4.93
C PRO A 341 -23.57 11.91 3.79
N LYS A 342 -22.43 11.65 3.15
CA LYS A 342 -22.02 12.36 1.95
C LYS A 342 -21.59 11.30 0.96
N ALA A 343 -21.08 11.71 -0.19
CA ALA A 343 -20.64 10.76 -1.20
C ALA A 343 -19.25 11.10 -1.67
N TYR A 344 -18.52 10.10 -2.14
CA TYR A 344 -17.28 10.35 -2.84
C TYR A 344 -17.11 9.19 -3.77
N GLN A 345 -16.82 9.47 -5.04
CA GLN A 345 -16.50 8.44 -6.03
C GLN A 345 -17.67 7.40 -6.13
N GLY A 346 -18.90 7.89 -5.97
CA GLY A 346 -20.12 7.11 -6.07
C GLY A 346 -20.48 6.39 -4.79
N HIS A 347 -19.67 6.57 -3.76
CA HIS A 347 -19.75 5.80 -2.52
C HIS A 347 -20.27 6.62 -1.35
N PRO A 348 -21.37 6.17 -0.74
CA PRO A 348 -21.89 6.88 0.44
C PRO A 348 -20.87 6.75 1.57
N PHE A 349 -20.68 7.80 2.35
CA PHE A 349 -19.78 7.69 3.50
C PHE A 349 -20.23 8.53 4.68
N ILE A 350 -19.87 8.11 5.89
CA ILE A 350 -20.17 8.90 7.07
C ILE A 350 -18.90 9.04 7.88
N VAL A 351 -18.68 10.23 8.43
CA VAL A 351 -17.58 10.37 9.36
C VAL A 351 -18.17 10.58 10.72
N GLU A 352 -17.65 9.84 11.70
CA GLU A 352 -17.96 10.09 13.10
C GLU A 352 -16.72 10.62 13.84
N ALA A 353 -16.92 11.56 14.75
CA ALA A 353 -15.81 12.10 15.50
C ALA A 353 -16.14 12.15 16.98
N GLY A 354 -15.09 12.03 17.79
CA GLY A 354 -15.21 12.01 19.24
C GLY A 354 -14.04 12.77 19.88
N VAL A 355 -14.32 13.50 20.96
CA VAL A 355 -13.27 14.17 21.72
C VAL A 355 -13.40 13.86 23.22
N ALA A 356 -12.27 13.63 23.88
CA ALA A 356 -12.24 13.44 25.35
C ALA A 356 -11.09 14.24 25.93
N PHE A 357 -11.34 14.83 27.10
CA PHE A 357 -10.38 15.79 27.67
C PHE A 357 -10.25 15.69 29.18
N GLY A 358 -9.02 15.75 29.66
CA GLY A 358 -8.74 15.76 31.09
C GLY A 358 -8.84 14.39 31.75
N GLY A 359 -9.11 14.39 33.07
CA GLY A 359 -9.41 13.18 33.81
C GLY A 359 -8.24 12.23 33.80
N SER A 360 -8.49 10.97 33.42
CA SER A 360 -7.42 9.96 33.50
C SER A 360 -6.51 9.91 32.27
N ILE A 361 -6.76 10.80 31.31
CA ILE A 361 -5.95 10.88 30.09
C ILE A 361 -4.54 11.37 30.40
N PRO A 362 -3.51 10.66 29.93
CA PRO A 362 -2.12 11.08 30.12
C PRO A 362 -1.84 12.49 29.58
N VAL A 363 -0.89 13.19 30.20
CA VAL A 363 -0.43 14.49 29.71
C VAL A 363 0.58 14.26 28.59
N GLY A 364 0.48 15.05 27.52
CA GLY A 364 1.43 14.93 26.43
C GLY A 364 1.44 16.17 25.58
N GLU A 365 2.26 16.18 24.54
CA GLU A 365 2.41 17.32 23.64
C GLU A 365 1.46 17.29 22.41
N GLU A 366 0.74 16.18 22.25
CA GLU A 366 -0.19 16.02 21.14
C GLU A 366 -1.35 15.12 21.57
N PRO A 367 -2.47 15.17 20.84
CA PRO A 367 -3.61 14.32 21.16
C PRO A 367 -3.22 12.86 21.00
N ILE A 368 -3.82 11.99 21.79
CA ILE A 368 -3.93 10.57 21.44
C ILE A 368 -4.97 10.49 20.34
N VAL A 369 -4.60 9.89 19.20
CA VAL A 369 -5.52 9.74 18.07
C VAL A 369 -5.97 8.27 17.90
N LEU A 370 -7.28 8.05 17.91
CA LEU A 370 -7.86 6.72 17.70
C LEU A 370 -8.59 6.69 16.34
N ARG A 371 -8.10 5.86 15.42
CA ARG A 371 -8.61 5.79 14.06
C ARG A 371 -9.37 4.52 13.85
N TYR A 372 -10.52 4.63 13.18
CA TYR A 372 -11.35 3.46 12.85
C TYR A 372 -11.81 3.60 11.40
N ALA A 373 -11.89 2.48 10.68
CA ALA A 373 -12.52 2.44 9.36
C ALA A 373 -13.44 1.21 9.26
N ASN A 374 -14.72 1.46 8.91
CA ASN A 374 -15.71 0.37 8.86
C ASN A 374 -15.62 -0.51 10.13
N LYS A 375 -15.56 0.18 11.27
CA LYS A 375 -15.51 -0.45 12.59
C LYS A 375 -14.26 -1.29 12.84
N ILE A 376 -13.20 -1.08 12.07
CA ILE A 376 -11.95 -1.77 12.32
C ILE A 376 -11.05 -0.75 12.99
N PRO A 377 -10.43 -1.10 14.11
CA PRO A 377 -9.46 -0.20 14.72
C PRO A 377 -8.16 -0.25 13.93
N LEU A 378 -7.64 0.92 13.62
CA LEU A 378 -6.39 1.06 12.88
C LEU A 378 -5.24 1.28 13.87
N ILE A 379 -4.18 0.52 13.74
CA ILE A 379 -3.17 0.58 14.77
C ILE A 379 -1.79 1.04 14.31
N TYR A 380 -1.38 0.60 13.12
CA TYR A 380 -0.05 0.92 12.58
C TYR A 380 -0.10 2.17 11.68
N ASP A 381 1.08 2.61 11.23
CA ASP A 381 1.25 3.68 10.23
C ASP A 381 0.38 4.93 10.50
N GLU A 382 0.27 5.33 11.76
CA GLU A 382 -0.67 6.41 12.05
C GLU A 382 -0.32 7.76 11.39
N LYS A 383 0.96 8.10 11.30
CA LYS A 383 1.39 9.41 10.78
C LYS A 383 1.29 9.53 9.25
N SER A 384 1.01 8.43 8.57
CA SER A 384 0.70 8.47 7.15
C SER A 384 -0.82 8.68 6.86
N ASP A 385 -1.64 8.52 7.91
CA ASP A 385 -3.11 8.54 7.77
C ASP A 385 -3.60 9.95 7.54
N VAL A 386 -4.60 10.10 6.67
CA VAL A 386 -5.21 11.39 6.43
C VAL A 386 -5.80 11.95 7.73
N ILE A 387 -6.23 11.05 8.61
CA ILE A 387 -6.80 11.46 9.89
C ILE A 387 -5.75 12.17 10.72
N TRP A 388 -4.55 11.62 10.77
CA TRP A 388 -3.45 12.26 11.49
C TRP A 388 -3.17 13.63 10.90
N LYS A 389 -3.13 13.68 9.57
CA LYS A 389 -2.82 14.90 8.84
C LYS A 389 -3.81 16.00 9.24
N VAL A 390 -5.10 15.67 9.31
CA VAL A 390 -6.13 16.66 9.63
C VAL A 390 -6.05 17.12 11.10
N VAL A 391 -5.81 16.17 12.00
CA VAL A 391 -5.68 16.49 13.43
C VAL A 391 -4.45 17.38 13.66
N GLU A 392 -3.36 17.07 12.96
CA GLU A 392 -2.12 17.81 13.08
C GLU A 392 -2.22 19.25 12.61
N GLU A 393 -2.95 19.46 11.51
CA GLU A 393 -3.12 20.78 10.90
C GLU A 393 -4.15 21.67 11.61
N LEU A 394 -4.97 21.10 12.49
CA LEU A 394 -5.97 21.89 13.20
C LEU A 394 -5.35 22.73 14.31
N ASP A 395 -5.76 23.99 14.39
CA ASP A 395 -5.23 24.93 15.40
C ASP A 395 -6.02 24.78 16.70
N TRP A 396 -5.47 24.02 17.66
CA TRP A 396 -6.21 23.70 18.87
C TRP A 396 -6.30 24.90 19.83
N LYS A 397 -5.49 25.92 19.59
CA LYS A 397 -5.60 27.16 20.35
C LYS A 397 -6.90 27.91 20.02
N ARG A 398 -7.37 27.77 18.78
CA ARG A 398 -8.66 28.35 18.39
C ARG A 398 -9.84 27.71 19.14
N TYR A 399 -9.61 26.56 19.77
CA TYR A 399 -10.70 25.84 20.43
C TYR A 399 -10.47 25.72 21.95
N GLY A 400 -9.65 26.64 22.47
CA GLY A 400 -9.46 26.79 23.91
C GLY A 400 -8.31 26.03 24.53
N ILE A 401 -7.54 25.29 23.73
CA ILE A 401 -6.39 24.57 24.24
C ILE A 401 -5.19 25.52 24.39
N GLU A 402 -5.03 25.99 25.62
CA GLU A 402 -4.11 27.06 26.01
C GLU A 402 -2.63 26.67 25.97
N SER A 403 -2.25 25.63 26.72
CA SER A 403 -0.83 25.24 26.84
C SER A 403 -0.32 24.42 25.67
N ASP A 404 0.99 24.21 25.68
CA ASP A 404 1.62 23.34 24.71
C ASP A 404 1.50 21.87 25.14
N GLN A 405 1.13 21.68 26.41
CA GLN A 405 0.87 20.35 26.99
C GLN A 405 -0.58 20.20 27.49
N TYR A 406 -1.17 19.05 27.18
CA TYR A 406 -2.59 18.82 27.45
C TYR A 406 -2.92 17.33 27.51
N GLN A 407 -4.12 17.02 28.03
CA GLN A 407 -4.65 15.64 28.06
C GLN A 407 -5.88 15.55 27.15
N MSE A 408 -5.69 15.11 25.93
CA MSE A 408 -6.81 15.02 24.99
C MSE A 408 -6.71 13.76 24.18
O MSE A 408 -5.61 13.32 23.83
CB MSE A 408 -6.88 16.25 24.09
CG MSE A 408 -8.09 16.25 23.17
SE MSE A 408 -8.26 17.84 22.06
CE MSE A 408 -6.61 17.81 21.13
N VAL A 409 -7.89 13.17 23.93
CA VAL A 409 -8.08 12.06 23.00
C VAL A 409 -9.01 12.52 21.87
N VAL A 410 -8.64 12.22 20.63
CA VAL A 410 -9.49 12.50 19.50
C VAL A 410 -9.78 11.18 18.77
N MSE A 411 -11.05 10.94 18.47
CA MSE A 411 -11.43 9.73 17.77
C MSE A 411 -12.15 10.07 16.50
O MSE A 411 -12.97 10.96 16.51
CB MSE A 411 -12.30 8.84 18.67
CG MSE A 411 -12.75 7.53 18.04
SE MSE A 411 -13.76 6.54 19.41
CE MSE A 411 -15.34 7.49 19.19
N VAL A 412 -11.82 9.38 15.41
CA VAL A 412 -12.48 9.55 14.13
C VAL A 412 -12.82 8.15 13.55
N HIS A 413 -14.07 7.94 13.15
CA HIS A 413 -14.46 6.73 12.42
C HIS A 413 -14.98 7.14 11.05
N LEU A 414 -14.33 6.62 9.98
CA LEU A 414 -14.89 6.73 8.64
C LEU A 414 -15.59 5.41 8.29
N CYS A 415 -16.85 5.45 7.82
CA CYS A 415 -17.46 4.25 7.30
C CYS A 415 -18.02 4.49 5.91
N SER A 416 -18.00 3.46 5.07
CA SER A 416 -18.37 3.67 3.67
C SER A 416 -18.48 2.33 2.98
N THR A 417 -19.11 2.30 1.82
CA THR A 417 -19.02 1.13 0.98
C THR A 417 -17.60 0.91 0.44
N LYS A 418 -16.76 1.94 0.51
CA LYS A 418 -15.38 1.80 0.07
C LYS A 418 -14.47 2.64 0.91
N ILE A 419 -13.51 1.99 1.57
CA ILE A 419 -12.54 2.77 2.32
C ILE A 419 -11.28 2.87 1.48
N PRO A 420 -10.78 4.06 1.22
CA PRO A 420 -9.55 4.18 0.39
C PRO A 420 -8.29 4.02 1.24
N TYR A 421 -7.90 2.80 1.55
CA TYR A 421 -6.64 2.61 2.28
C TYR A 421 -5.45 2.89 1.39
N LYS A 422 -4.33 3.26 2.01
CA LYS A 422 -3.06 3.50 1.35
C LYS A 422 -2.37 2.22 0.92
N SER A 423 -2.70 1.11 1.58
CA SER A 423 -2.08 -0.15 1.20
C SER A 423 -3.06 -1.28 1.42
N ALA A 424 -2.82 -2.42 0.75
CA ALA A 424 -3.66 -3.59 0.93
C ALA A 424 -3.61 -4.16 2.37
N GLY A 425 -2.69 -3.67 3.18
CA GLY A 425 -2.59 -4.03 4.57
C GLY A 425 -3.63 -3.29 5.42
N LYS A 426 -4.30 -2.29 4.83
CA LYS A 426 -5.44 -1.61 5.43
C LYS A 426 -5.19 -1.08 6.83
N GLU A 427 -4.08 -0.37 7.01
CA GLU A 427 -3.76 0.27 8.30
C GLU A 427 -3.87 1.80 8.31
N SER A 428 -3.97 2.43 7.14
CA SER A 428 -4.15 3.89 7.09
C SER A 428 -4.99 4.34 5.90
N ILE A 429 -5.68 5.46 6.06
CA ILE A 429 -6.59 5.97 5.05
C ILE A 429 -5.84 6.99 4.13
N ALA A 430 -6.00 6.86 2.81
CA ALA A 430 -5.34 7.79 1.86
C ALA A 430 -5.96 9.19 1.82
N GLU A 431 -5.26 10.10 1.17
CA GLU A 431 -5.64 11.51 1.08
C GLU A 431 -6.63 11.74 -0.04
N VAL A 432 -7.88 11.37 0.17
CA VAL A 432 -8.90 11.63 -0.82
C VAL A 432 -9.56 12.91 -0.38
N GLU A 433 -9.70 13.86 -1.30
CA GLU A 433 -10.09 15.23 -0.94
C GLU A 433 -11.42 15.31 -0.21
N ASP A 434 -12.42 14.58 -0.72
CA ASP A 434 -13.76 14.66 -0.15
C ASP A 434 -13.74 14.14 1.29
N ILE A 435 -12.99 13.08 1.51
CA ILE A 435 -12.92 12.49 2.84
C ILE A 435 -12.18 13.40 3.81
N GLU A 436 -11.09 14.01 3.33
CA GLU A 436 -10.29 14.92 4.13
C GLU A 436 -11.10 16.11 4.63
N LYS A 437 -11.80 16.77 3.70
CA LYS A 437 -12.72 17.88 4.04
C LYS A 437 -13.78 17.50 5.08
N GLU A 438 -14.39 16.33 4.93
CA GLU A 438 -15.43 15.96 5.85
C GLU A 438 -14.85 15.56 7.24
N ILE A 439 -13.66 14.97 7.25
CA ILE A 439 -13.03 14.65 8.52
C ILE A 439 -12.73 15.97 9.27
N LYS A 440 -12.22 16.97 8.54
CA LYS A 440 -11.98 18.28 9.11
C LYS A 440 -13.27 18.87 9.65
N ASN A 441 -14.33 18.80 8.85
CA ASN A 441 -15.60 19.33 9.31
C ASN A 441 -16.09 18.66 10.57
N ALA A 442 -16.06 17.32 10.59
CA ALA A 442 -16.47 16.59 11.79
C ALA A 442 -15.63 17.00 13.02
N LEU A 443 -14.31 17.09 12.84
CA LEU A 443 -13.45 17.41 13.95
C LEU A 443 -13.77 18.80 14.49
N MSE A 444 -14.00 19.74 13.60
CA MSE A 444 -14.32 21.09 14.02
C MSE A 444 -15.61 21.12 14.82
O MSE A 444 -15.70 21.83 15.81
CB MSE A 444 -14.37 22.05 12.83
CG MSE A 444 -13.03 22.27 12.18
SE MSE A 444 -13.04 23.67 10.80
CE MSE A 444 -14.04 22.79 9.46
N GLU A 445 -16.60 20.32 14.42
CA GLU A 445 -17.88 20.28 15.14
C GLU A 445 -17.69 19.76 16.57
N VAL A 446 -16.81 18.77 16.71
CA VAL A 446 -16.58 18.19 18.02
C VAL A 446 -15.62 19.07 18.84
N ALA A 447 -14.68 19.72 18.16
CA ALA A 447 -13.81 20.67 18.84
C ALA A 447 -14.58 21.90 19.37
N ARG A 448 -15.56 22.39 18.61
CA ARG A 448 -16.45 23.46 19.09
C ARG A 448 -17.15 23.08 20.41
N LYS A 449 -17.50 21.81 20.56
CA LYS A 449 -18.06 21.34 21.83
C LYS A 449 -17.00 21.42 22.93
N LEU A 450 -15.77 21.01 22.61
CA LEU A 450 -14.67 21.15 23.57
C LEU A 450 -14.40 22.63 23.90
N LYS A 451 -14.41 23.49 22.89
CA LYS A 451 -14.21 24.93 23.08
C LYS A 451 -15.16 25.46 24.15
N GLN A 452 -16.41 24.99 24.08
CA GLN A 452 -17.51 25.40 24.96
C GLN A 452 -17.29 24.92 26.40
N TYR A 453 -16.91 23.66 26.55
CA TYR A 453 -16.53 23.16 27.84
C TYR A 453 -15.41 24.03 28.45
N LEU A 454 -14.35 24.30 27.69
CA LEU A 454 -13.19 25.04 28.20
C LEU A 454 -13.45 26.52 28.46
N SER A 455 -14.35 27.12 27.67
CA SER A 455 -14.74 28.49 27.92
C SER A 455 -15.53 28.58 29.22
N GLU A 456 -16.35 27.57 29.47
CA GLU A 456 -17.06 27.46 30.75
C GLU A 456 -16.11 27.39 31.94
N LYS A 457 -15.10 26.50 31.85
CA LYS A 457 -14.09 26.34 32.89
C LYS A 457 -13.35 27.64 33.11
N ARG A 458 -12.98 28.30 32.03
CA ARG A 458 -12.23 29.54 32.10
C ARG A 458 -13.02 30.64 32.78
N LYS A 459 -14.30 30.77 32.41
CA LYS A 459 -15.18 31.78 32.97
C LYS A 459 -15.29 31.63 34.49
N GLU A 460 -15.49 30.41 34.95
CA GLU A 460 -15.51 30.12 36.38
C GLU A 460 -14.19 30.52 37.07
N GLN A 461 -13.06 30.13 36.49
CA GLN A 461 -11.74 30.55 37.00
C GLN A 461 -11.63 32.06 37.10
N GLU A 462 -12.15 32.77 36.09
CA GLU A 462 -12.11 34.22 36.06
C GLU A 462 -12.94 34.82 37.18
N ALA A 463 -14.09 34.22 37.46
CA ALA A 463 -14.93 34.63 38.58
C ALA A 463 -14.18 34.38 39.88
N LYS A 464 -13.49 33.25 39.94
CA LYS A 464 -12.75 32.86 41.13
C LYS A 464 -11.49 33.70 41.32
N LYS A 465 -10.89 34.16 40.22
CA LYS A 465 -9.69 34.99 40.29
C LYS A 465 -9.97 36.31 41.01
N LYS A 466 -11.16 36.88 40.76
CA LYS A 466 -11.59 38.12 41.42
C LYS A 466 -11.62 38.01 42.95
N LEU A 467 -11.85 36.80 43.48
CA LEU A 467 -11.89 36.59 44.93
C LEU A 467 -10.50 36.51 45.58
N LEU A 468 -9.44 36.55 44.77
CA LEU A 468 -8.07 36.31 45.24
C LEU A 468 -7.35 37.57 45.73
N LYS B 3 -27.45 -13.32 -0.76
CA LYS B 3 -26.72 -12.16 -0.15
C LYS B 3 -25.20 -12.19 -0.38
N GLU B 4 -24.56 -13.34 -0.15
CA GLU B 4 -23.15 -13.47 -0.53
C GLU B 4 -23.02 -14.02 -1.98
N LYS B 5 -22.67 -13.13 -2.90
CA LYS B 5 -22.40 -13.52 -4.28
C LYS B 5 -20.90 -13.50 -4.50
N PHE B 6 -20.33 -14.65 -4.80
CA PHE B 6 -18.89 -14.80 -4.94
C PHE B 6 -18.45 -14.44 -6.35
N THR B 7 -17.40 -13.63 -6.42
CA THR B 7 -16.94 -13.03 -7.65
C THR B 7 -15.41 -12.84 -7.66
N SER B 8 -14.83 -12.80 -8.85
CA SER B 8 -13.40 -12.61 -9.04
C SER B 8 -13.10 -11.26 -9.67
N LEU B 9 -11.93 -10.71 -9.41
CA LEU B 9 -11.48 -9.52 -10.14
C LEU B 9 -10.20 -9.78 -10.93
N SER B 10 -10.02 -9.08 -12.03
CA SER B 10 -8.75 -9.09 -12.74
C SER B 10 -7.84 -8.11 -12.04
N PRO B 11 -6.52 -8.25 -12.24
CA PRO B 11 -5.58 -7.27 -11.71
C PRO B 11 -5.91 -5.83 -12.15
N ALA B 12 -6.42 -5.70 -13.37
CA ALA B 12 -6.80 -4.37 -13.88
C ALA B 12 -8.01 -3.79 -13.15
N GLU B 13 -9.05 -4.60 -12.97
CA GLU B 13 -10.23 -4.19 -12.20
C GLU B 13 -9.85 -3.85 -10.77
N PHE B 14 -8.89 -4.59 -10.20
CA PHE B 14 -8.51 -4.38 -8.81
C PHE B 14 -7.90 -2.99 -8.62
N PHE B 15 -7.01 -2.61 -9.53
CA PHE B 15 -6.38 -1.30 -9.42
C PHE B 15 -7.28 -0.16 -9.87
N LYS B 16 -8.20 -0.42 -10.78
CA LYS B 16 -9.12 0.60 -11.21
C LYS B 16 -10.09 0.91 -10.06
N ARG B 17 -10.44 -0.10 -9.25
CA ARG B 17 -11.33 0.09 -8.09
C ARG B 17 -10.59 0.71 -6.92
N ASN B 18 -9.27 0.50 -6.87
CA ASN B 18 -8.45 0.97 -5.76
C ASN B 18 -7.19 1.76 -6.22
N PRO B 19 -7.38 2.84 -6.95
CA PRO B 19 -6.27 3.61 -7.53
C PRO B 19 -5.37 4.21 -6.44
N GLU B 20 -5.95 4.55 -5.30
CA GLU B 20 -5.15 4.98 -4.17
C GLU B 20 -4.05 3.93 -3.78
N LEU B 21 -4.20 2.67 -4.16
CA LEU B 21 -3.14 1.69 -3.84
C LEU B 21 -1.89 1.86 -4.71
N ALA B 22 -2.02 2.54 -5.85
CA ALA B 22 -0.92 2.65 -6.80
C ALA B 22 -0.33 4.05 -6.76
N GLY B 23 -0.79 4.83 -5.81
CA GLY B 23 -0.36 6.23 -5.69
C GLY B 23 -1.22 7.22 -6.47
N PHE B 24 -2.51 6.89 -6.69
CA PHE B 24 -3.44 7.79 -7.40
C PHE B 24 -4.66 8.11 -6.52
N PRO B 25 -4.41 8.63 -5.32
CA PRO B 25 -5.50 8.98 -4.40
C PRO B 25 -6.19 10.31 -4.73
N ASN B 26 -5.49 11.23 -5.41
CA ASN B 26 -6.01 12.54 -5.77
C ASN B 26 -5.22 13.12 -7.01
N PRO B 27 -5.76 14.13 -7.66
CA PRO B 27 -5.17 14.61 -8.91
C PRO B 27 -3.79 15.17 -8.75
N ALA B 28 -3.50 15.83 -7.64
CA ALA B 28 -2.14 16.31 -7.41
C ALA B 28 -1.12 15.15 -7.31
N ARG B 29 -1.42 14.16 -6.49
CA ARG B 29 -0.54 13.03 -6.35
C ARG B 29 -0.50 12.22 -7.67
N ALA B 30 -1.61 12.22 -8.41
CA ALA B 30 -1.67 11.46 -9.66
C ALA B 30 -0.74 12.06 -10.74
N LEU B 31 -0.74 13.38 -10.82
CA LEU B 31 0.15 14.08 -11.74
C LEU B 31 1.61 13.78 -11.42
N TYR B 32 1.96 13.92 -10.14
CA TYR B 32 3.32 13.64 -9.66
C TYR B 32 3.72 12.18 -9.96
N GLN B 33 2.81 11.24 -9.62
CA GLN B 33 3.04 9.81 -9.85
C GLN B 33 3.23 9.48 -11.32
N THR B 34 2.48 10.16 -12.20
CA THR B 34 2.55 9.82 -13.62
C THR B 34 3.91 10.29 -14.13
N VAL B 35 4.31 11.48 -13.71
CA VAL B 35 5.62 12.01 -14.05
C VAL B 35 6.76 11.11 -13.63
N ARG B 36 6.81 10.73 -12.37
CA ARG B 36 7.91 9.87 -11.93
C ARG B 36 7.84 8.47 -12.47
N GLU B 37 6.65 7.89 -12.70
CA GLU B 37 6.67 6.56 -13.32
C GLU B 37 7.32 6.62 -14.69
N LEU B 38 6.99 7.65 -15.48
CA LEU B 38 7.54 7.76 -16.87
C LEU B 38 9.04 8.00 -16.83
N ILE B 39 9.49 8.91 -15.96
CA ILE B 39 10.92 9.20 -15.84
C ILE B 39 11.70 7.96 -15.42
N GLU B 40 11.15 7.21 -14.47
CA GLU B 40 11.82 6.00 -13.98
C GLU B 40 11.88 4.91 -15.03
N ASN B 41 10.83 4.78 -15.84
CA ASN B 41 10.86 3.88 -17.00
C ASN B 41 11.93 4.32 -18.01
N SER B 42 12.01 5.61 -18.27
CA SER B 42 13.02 6.13 -19.23
C SER B 42 14.43 5.88 -18.73
N LEU B 43 14.68 6.16 -17.45
CA LEU B 43 15.97 5.82 -16.82
C LEU B 43 16.32 4.32 -16.83
N ASP B 44 15.35 3.47 -16.52
CA ASP B 44 15.58 2.02 -16.60
C ASP B 44 15.84 1.62 -18.04
N ALA B 45 15.30 2.38 -19.00
CA ALA B 45 15.54 2.04 -20.42
C ALA B 45 16.92 2.55 -20.94
N THR B 46 17.63 3.34 -20.14
CA THR B 46 18.93 3.92 -20.60
C THR B 46 20.12 3.50 -19.79
N ASP B 47 20.17 3.93 -18.52
CA ASP B 47 21.36 3.66 -17.72
C ASP B 47 21.59 2.20 -17.37
N VAL B 48 20.50 1.42 -17.30
CA VAL B 48 20.63 -0.05 -17.17
C VAL B 48 21.30 -0.70 -18.42
N HIS B 49 21.20 -0.02 -19.55
CA HIS B 49 21.73 -0.59 -20.81
C HIS B 49 22.96 0.16 -21.32
N GLY B 50 23.60 0.92 -20.43
CA GLY B 50 24.80 1.66 -20.75
C GLY B 50 24.62 2.81 -21.73
N ILE B 51 23.46 3.45 -21.66
CA ILE B 51 23.16 4.59 -22.50
C ILE B 51 23.06 5.83 -21.60
N LEU B 52 23.81 6.89 -21.90
CA LEU B 52 23.68 8.19 -21.21
C LEU B 52 22.29 8.78 -21.47
N PRO B 53 21.49 8.91 -20.41
CA PRO B 53 20.09 9.28 -20.52
C PRO B 53 19.91 10.72 -20.96
N ASN B 54 19.10 10.90 -21.99
CA ASN B 54 18.66 12.22 -22.43
C ASN B 54 17.14 12.14 -22.36
N ILE B 55 16.54 12.82 -21.39
CA ILE B 55 15.13 12.66 -21.08
C ILE B 55 14.46 14.02 -21.09
N LYS B 56 13.40 14.14 -21.88
CA LYS B 56 12.61 15.37 -21.92
C LYS B 56 11.23 15.15 -21.32
N ILE B 57 10.84 16.07 -20.45
CA ILE B 57 9.55 15.99 -19.80
C ILE B 57 8.75 17.21 -20.09
N THR B 58 7.56 17.01 -20.63
CA THR B 58 6.66 18.10 -20.89
C THR B 58 5.34 17.86 -20.15
N ILE B 59 4.78 18.91 -19.53
CA ILE B 59 3.41 18.83 -19.00
C ILE B 59 2.65 20.03 -19.52
N ASP B 60 1.56 19.78 -20.26
CA ASP B 60 0.70 20.82 -20.81
C ASP B 60 -0.67 20.77 -20.17
N LEU B 61 -1.23 21.92 -19.87
CA LEU B 61 -2.61 21.99 -19.44
C LEU B 61 -3.45 21.92 -20.69
N ILE B 62 -4.28 20.91 -20.80
CA ILE B 62 -5.08 20.72 -22.02
C ILE B 62 -6.46 21.36 -21.86
N ASP B 63 -7.04 21.21 -20.68
CA ASP B 63 -8.39 21.71 -20.46
C ASP B 63 -8.49 22.32 -19.07
N ASP B 64 -8.49 23.65 -19.04
CA ASP B 64 -8.54 24.41 -17.80
C ASP B 64 -9.72 24.01 -16.94
N ALA B 65 -10.93 24.08 -17.50
CA ALA B 65 -12.12 23.80 -16.70
C ALA B 65 -12.13 22.37 -16.11
N ARG B 66 -11.72 21.38 -16.90
CA ARG B 66 -11.72 19.97 -16.49
C ARG B 66 -10.42 19.55 -15.77
N GLN B 67 -9.40 20.43 -15.80
CA GLN B 67 -8.09 20.15 -15.20
C GLN B 67 -7.44 18.85 -15.71
N ILE B 68 -7.40 18.70 -17.04
CA ILE B 68 -6.75 17.57 -17.66
C ILE B 68 -5.42 18.04 -18.17
N TYR B 69 -4.39 17.28 -17.85
CA TYR B 69 -3.06 17.59 -18.29
C TYR B 69 -2.56 16.44 -19.16
N LYS B 70 -1.77 16.77 -20.18
CA LYS B 70 -1.09 15.75 -20.96
C LYS B 70 0.39 15.68 -20.54
N VAL B 71 0.82 14.53 -20.08
CA VAL B 71 2.24 14.34 -19.71
C VAL B 71 2.93 13.57 -20.81
N ASN B 72 4.08 14.07 -21.25
CA ASN B 72 4.86 13.43 -22.29
C ASN B 72 6.30 13.31 -21.85
N VAL B 73 6.80 12.09 -21.79
CA VAL B 73 8.20 11.89 -21.55
C VAL B 73 8.83 11.23 -22.76
N VAL B 74 9.97 11.76 -23.22
CA VAL B 74 10.72 11.19 -24.36
C VAL B 74 12.14 10.87 -23.92
N ASP B 75 12.64 9.71 -24.32
CA ASP B 75 13.97 9.29 -23.91
C ASP B 75 14.74 8.73 -25.12
N ASN B 76 16.04 8.56 -24.96
CA ASN B 76 16.89 7.88 -25.97
C ASN B 76 17.23 6.47 -25.52
N GLY B 77 16.31 5.79 -24.84
CA GLY B 77 16.55 4.43 -24.38
C GLY B 77 16.50 3.32 -25.42
N ILE B 78 16.48 2.08 -24.95
CA ILE B 78 16.51 0.90 -25.85
C ILE B 78 15.21 0.67 -26.65
N GLY B 79 14.17 1.45 -26.38
CA GLY B 79 12.88 1.24 -27.01
C GLY B 79 12.23 -0.08 -26.54
N ILE B 80 11.12 -0.44 -27.19
CA ILE B 80 10.37 -1.64 -26.89
C ILE B 80 10.08 -2.34 -28.21
N PRO B 81 10.34 -3.64 -28.28
CA PRO B 81 10.02 -4.43 -29.48
C PRO B 81 8.53 -4.25 -29.74
N PRO B 82 8.15 -3.92 -30.97
CA PRO B 82 6.76 -3.53 -31.24
C PRO B 82 5.76 -4.61 -30.83
N GLN B 83 6.10 -5.90 -30.87
CA GLN B 83 5.15 -6.94 -30.47
C GLN B 83 4.83 -6.87 -28.96
N GLU B 84 5.73 -6.24 -28.21
CA GLU B 84 5.58 -6.20 -26.75
C GLU B 84 4.86 -4.93 -26.25
N VAL B 85 4.79 -3.91 -27.07
CA VAL B 85 4.23 -2.63 -26.64
C VAL B 85 2.82 -2.77 -26.06
N PRO B 86 1.90 -3.45 -26.75
CA PRO B 86 0.53 -3.52 -26.23
C PRO B 86 0.45 -4.09 -24.81
N ASN B 87 1.15 -5.19 -24.53
CA ASN B 87 1.15 -5.73 -23.19
C ASN B 87 1.99 -4.89 -22.22
N ALA B 88 3.11 -4.34 -22.69
CA ALA B 88 3.95 -3.52 -21.79
C ALA B 88 3.14 -2.38 -21.20
N PHE B 89 2.28 -1.75 -22.02
CA PHE B 89 1.50 -0.62 -21.54
C PHE B 89 0.00 -0.89 -21.22
N GLY B 90 -0.52 -2.05 -21.55
CA GLY B 90 -1.96 -2.27 -21.44
C GLY B 90 -2.40 -3.57 -20.77
N ARG B 91 -1.44 -4.26 -20.13
CA ARG B 91 -1.73 -5.46 -19.36
C ARG B 91 -1.14 -5.32 -17.96
N VAL B 92 -2.01 -5.22 -16.99
CA VAL B 92 -1.51 -5.08 -15.63
C VAL B 92 -0.73 -6.32 -15.20
N LEU B 93 0.41 -6.10 -14.54
CA LEU B 93 1.32 -7.19 -14.10
C LEU B 93 2.07 -7.79 -15.26
N TYR B 94 2.66 -6.90 -16.05
CA TYR B 94 3.49 -7.30 -17.18
C TYR B 94 4.70 -6.38 -17.15
N SER B 95 5.88 -6.99 -17.19
CA SER B 95 7.12 -6.28 -16.95
C SER B 95 8.29 -7.02 -17.58
N SER B 96 9.37 -6.31 -17.91
CA SER B 96 10.62 -7.00 -18.23
C SER B 96 11.54 -7.02 -17.01
N LYS B 97 11.04 -6.59 -15.86
CA LYS B 97 11.91 -6.43 -14.70
C LYS B 97 11.63 -7.36 -13.52
N TYR B 98 10.90 -8.44 -13.80
CA TYR B 98 10.64 -9.47 -12.80
C TYR B 98 11.89 -10.34 -12.57
N VAL B 99 12.91 -10.08 -13.35
CA VAL B 99 14.20 -10.71 -13.24
C VAL B 99 14.99 -10.16 -12.05
N ASN B 100 15.70 -11.03 -11.34
CA ASN B 100 16.48 -10.61 -10.18
C ASN B 100 17.61 -9.62 -10.45
N ARG B 101 17.30 -8.33 -10.43
CA ARG B 101 18.26 -7.31 -10.89
C ARG B 101 17.82 -5.91 -10.43
N GLN B 102 18.77 -5.06 -10.04
CA GLN B 102 18.40 -3.73 -9.50
C GLN B 102 17.89 -2.78 -10.58
N THR B 103 16.58 -2.53 -10.58
CA THR B 103 15.99 -1.51 -11.43
C THR B 103 15.09 -0.65 -10.58
N ARG B 104 14.63 0.46 -11.15
CA ARG B 104 13.67 1.32 -10.47
C ARG B 104 12.27 0.66 -10.48
N GLY B 105 11.92 0.04 -11.60
CA GLY B 105 10.63 -0.58 -11.74
C GLY B 105 10.65 -1.93 -11.07
N MSE B 106 9.48 -2.44 -10.66
CA MSE B 106 9.48 -3.75 -10.03
C MSE B 106 8.13 -4.50 -10.03
O MSE B 106 8.12 -5.73 -9.92
CB MSE B 106 10.00 -3.62 -8.62
CG MSE B 106 9.14 -2.73 -7.75
SE MSE B 106 9.76 -2.83 -5.91
CE MSE B 106 9.34 -4.70 -5.40
N TYR B 107 7.03 -3.80 -10.16
CA TYR B 107 5.71 -4.42 -10.06
C TYR B 107 5.09 -4.78 -11.38
N GLY B 108 5.53 -4.13 -12.47
CA GLY B 108 4.87 -4.32 -13.75
C GLY B 108 3.46 -3.72 -13.67
N LEU B 109 3.34 -2.68 -12.86
CA LEU B 109 2.08 -1.97 -12.66
C LEU B 109 2.12 -0.52 -13.12
N GLY B 110 3.18 0.17 -12.72
CA GLY B 110 3.35 1.60 -12.85
C GLY B 110 2.68 2.38 -13.98
N VAL B 111 3.17 2.22 -15.20
CA VAL B 111 2.57 2.94 -16.31
C VAL B 111 1.10 2.56 -16.50
N LYS B 112 0.73 1.29 -16.30
CA LYS B 112 -0.69 0.88 -16.48
C LYS B 112 -1.59 1.54 -15.43
N ALA B 113 -1.06 1.81 -14.24
CA ALA B 113 -1.87 2.56 -13.24
C ALA B 113 -2.22 3.92 -13.78
N ALA B 114 -1.25 4.59 -14.42
CA ALA B 114 -1.54 5.90 -15.01
C ALA B 114 -2.52 5.78 -16.16
N VAL B 115 -2.38 4.74 -16.97
CA VAL B 115 -3.32 4.50 -18.08
C VAL B 115 -4.75 4.27 -17.56
N LEU B 116 -4.89 3.53 -16.46
CA LEU B 116 -6.21 3.24 -15.92
C LEU B 116 -6.84 4.52 -15.38
N TYR B 117 -6.03 5.29 -14.67
CA TYR B 117 -6.47 6.57 -14.16
C TYR B 117 -6.87 7.51 -15.31
N SER B 118 -6.09 7.49 -16.39
CA SER B 118 -6.41 8.25 -17.59
C SER B 118 -7.77 7.85 -18.13
N GLN B 119 -8.00 6.54 -18.29
CA GLN B 119 -9.26 6.01 -18.87
C GLN B 119 -10.48 6.35 -18.00
N MSE B 120 -10.25 6.33 -16.69
CA MSE B 120 -11.30 6.57 -15.72
C MSE B 120 -11.92 7.95 -15.87
O MSE B 120 -13.08 8.14 -15.54
CB MSE B 120 -10.75 6.42 -14.33
CG MSE B 120 -11.11 5.13 -13.64
SE MSE B 120 -10.16 5.06 -11.83
CE MSE B 120 -8.87 4.18 -12.60
N HIS B 121 -11.12 8.91 -16.33
CA HIS B 121 -11.52 10.30 -16.20
C HIS B 121 -11.60 11.11 -17.50
N GLN B 122 -10.95 10.62 -18.57
CA GLN B 122 -11.08 11.27 -19.87
C GLN B 122 -11.06 10.24 -21.01
N ASP B 123 -11.13 10.66 -22.27
CA ASP B 123 -11.35 9.72 -23.38
C ASP B 123 -10.23 9.57 -24.43
N LYS B 124 -9.11 10.30 -24.25
CA LYS B 124 -8.00 10.15 -25.17
C LYS B 124 -7.12 8.97 -24.73
N PRO B 125 -6.75 8.14 -25.70
CA PRO B 125 -5.89 6.97 -25.44
C PRO B 125 -4.47 7.41 -25.10
N ILE B 126 -3.68 6.51 -24.50
CA ILE B 126 -2.24 6.76 -24.34
C ILE B 126 -1.55 6.65 -25.72
N GLU B 127 -0.50 7.45 -25.94
CA GLU B 127 0.26 7.46 -27.20
C GLU B 127 1.68 7.00 -26.97
N ILE B 128 2.07 5.93 -27.67
CA ILE B 128 3.42 5.42 -27.61
C ILE B 128 4.04 5.48 -28.99
N GLU B 129 5.27 6.00 -29.03
CA GLU B 129 6.12 5.94 -30.19
C GLU B 129 7.44 5.38 -29.73
N THR B 130 7.96 4.40 -30.45
CA THR B 130 9.16 3.74 -30.03
C THR B 130 10.00 3.17 -31.16
N SER B 131 11.31 3.28 -31.02
CA SER B 131 12.23 2.71 -32.00
C SER B 131 13.38 2.00 -31.32
N PRO B 132 13.37 0.68 -31.35
CA PRO B 132 14.45 -0.11 -30.76
C PRO B 132 15.79 0.17 -31.43
N VAL B 133 16.90 -0.13 -30.75
CA VAL B 133 18.24 -0.02 -31.34
C VAL B 133 18.26 -0.64 -32.73
N ASN B 134 18.81 0.09 -33.70
CA ASN B 134 18.93 -0.38 -35.10
C ASN B 134 17.66 -0.50 -35.93
N SER B 135 16.50 -0.31 -35.30
CA SER B 135 15.25 -0.43 -36.04
C SER B 135 15.23 0.65 -37.11
N LYS B 136 14.71 0.30 -38.27
CA LYS B 136 14.57 1.27 -39.35
C LYS B 136 13.18 1.91 -39.34
N ARG B 137 12.38 1.58 -38.32
CA ARG B 137 11.05 2.14 -38.19
C ARG B 137 10.79 2.76 -36.81
N ILE B 138 9.93 3.78 -36.78
CA ILE B 138 9.34 4.24 -35.56
C ILE B 138 7.94 3.63 -35.50
N TYR B 139 7.67 2.84 -34.45
CA TYR B 139 6.37 2.16 -34.32
C TYR B 139 5.47 3.05 -33.44
N THR B 140 4.27 3.33 -33.93
CA THR B 140 3.34 4.21 -33.23
C THR B 140 2.14 3.40 -32.71
N PHE B 141 1.60 3.78 -31.55
CA PHE B 141 0.44 3.12 -30.98
C PHE B 141 -0.44 4.12 -30.26
N LYS B 142 -1.74 3.84 -30.24
CA LYS B 142 -2.67 4.47 -29.31
C LYS B 142 -3.40 3.32 -28.66
N LEU B 143 -3.47 3.34 -27.32
CA LEU B 143 -3.90 2.17 -26.56
C LEU B 143 -4.89 2.49 -25.43
N LYS B 144 -5.70 1.52 -25.07
CA LYS B 144 -6.51 1.59 -23.86
C LYS B 144 -6.39 0.21 -23.26
N ILE B 145 -7.01 0.03 -22.09
CA ILE B 145 -6.97 -1.26 -21.43
C ILE B 145 -8.42 -1.74 -21.28
N ASP B 146 -8.66 -3.00 -21.63
CA ASP B 146 -9.94 -3.64 -21.33
C ASP B 146 -9.80 -4.14 -19.91
N ILE B 147 -10.42 -3.47 -18.93
CA ILE B 147 -10.15 -3.85 -17.55
C ILE B 147 -10.66 -5.22 -17.18
N ASN B 148 -11.79 -5.65 -17.77
CA ASN B 148 -12.36 -6.94 -17.39
C ASN B 148 -11.43 -8.08 -17.79
N LYS B 149 -10.88 -8.00 -19.00
CA LYS B 149 -10.00 -9.03 -19.53
C LYS B 149 -8.54 -8.77 -19.12
N ASN B 150 -8.27 -7.57 -18.63
CA ASN B 150 -6.90 -7.11 -18.39
C ASN B 150 -6.04 -7.31 -19.61
N GLU B 151 -6.47 -6.74 -20.72
CA GLU B 151 -5.69 -6.87 -21.94
C GLU B 151 -5.78 -5.55 -22.70
N PRO B 152 -4.77 -5.28 -23.52
CA PRO B 152 -4.71 -4.03 -24.26
C PRO B 152 -5.77 -3.99 -25.34
N ILE B 153 -6.30 -2.80 -25.58
CA ILE B 153 -7.14 -2.51 -26.73
C ILE B 153 -6.29 -1.66 -27.67
N ILE B 154 -6.13 -2.10 -28.91
CA ILE B 154 -5.35 -1.36 -29.86
C ILE B 154 -6.25 -0.38 -30.63
N VAL B 155 -6.13 0.90 -30.32
CA VAL B 155 -6.89 1.96 -30.99
C VAL B 155 -6.23 2.38 -32.33
N GLU B 156 -4.90 2.55 -32.32
CA GLU B 156 -4.13 2.82 -33.54
C GLU B 156 -2.81 2.09 -33.44
N ARG B 157 -2.31 1.66 -34.60
CA ARG B 157 -1.03 0.97 -34.65
C ARG B 157 -0.47 1.17 -36.06
N GLY B 158 0.75 1.68 -36.12
CA GLY B 158 1.33 2.02 -37.42
C GLY B 158 2.83 2.12 -37.29
N SER B 159 3.49 2.42 -38.39
CA SER B 159 4.89 2.69 -38.35
C SER B 159 5.26 3.68 -39.44
N VAL B 160 6.36 4.38 -39.20
CA VAL B 160 6.92 5.30 -40.17
C VAL B 160 8.40 4.94 -40.30
N GLU B 161 9.00 5.28 -41.41
CA GLU B 161 10.43 5.09 -41.56
C GLU B 161 11.16 6.04 -40.60
N ASN B 162 12.31 5.57 -40.12
CA ASN B 162 13.12 6.37 -39.20
C ASN B 162 14.34 6.95 -39.89
N THR B 163 14.25 8.20 -40.34
CA THR B 163 15.34 8.82 -41.13
C THR B 163 16.57 9.14 -40.26
N ARG B 164 16.39 10.10 -39.34
CA ARG B 164 17.43 10.45 -38.36
C ARG B 164 17.71 9.25 -37.47
N GLY B 165 18.09 8.12 -38.08
CA GLY B 165 18.16 6.79 -37.47
C GLY B 165 18.44 6.59 -35.98
N PHE B 166 17.66 7.27 -35.11
CA PHE B 166 17.90 7.26 -33.67
C PHE B 166 16.89 6.35 -32.97
N HIS B 167 17.13 6.14 -31.69
CA HIS B 167 16.29 5.23 -30.94
C HIS B 167 15.86 5.73 -29.56
N GLY B 168 14.72 5.22 -29.12
CA GLY B 168 14.14 5.58 -27.84
C GLY B 168 12.63 5.42 -27.88
N THR B 169 11.95 6.11 -26.95
CA THR B 169 10.52 5.95 -26.71
C THR B 169 9.91 7.27 -26.24
N SER B 170 8.70 7.56 -26.72
CA SER B 170 7.92 8.69 -26.29
C SER B 170 6.61 8.13 -25.79
N VAL B 171 6.23 8.56 -24.60
CA VAL B 171 4.98 8.18 -23.97
C VAL B 171 4.20 9.45 -23.60
N ALA B 172 2.93 9.51 -24.00
CA ALA B 172 2.08 10.64 -23.66
C ALA B 172 0.75 10.14 -23.11
N ILE B 173 0.35 10.70 -21.98
CA ILE B 173 -0.88 10.25 -21.30
C ILE B 173 -1.62 11.46 -20.78
N SER B 174 -2.94 11.45 -20.93
CA SER B 174 -3.72 12.59 -20.48
C SER B 174 -4.47 12.20 -19.24
N ILE B 175 -4.30 13.01 -18.20
CA ILE B 175 -4.85 12.73 -16.87
C ILE B 175 -5.35 13.99 -16.17
N PRO B 176 -6.31 13.82 -15.25
CA PRO B 176 -6.62 14.85 -14.25
C PRO B 176 -5.38 15.13 -13.46
N GLY B 177 -5.20 16.40 -13.11
CA GLY B 177 -4.08 16.79 -12.30
C GLY B 177 -4.38 18.09 -11.55
N ASP B 178 -3.45 18.45 -10.70
CA ASP B 178 -3.51 19.69 -9.96
C ASP B 178 -2.08 20.24 -9.93
N TRP B 179 -1.75 21.04 -10.93
CA TRP B 179 -0.39 21.55 -11.05
C TRP B 179 0.04 22.43 -9.85
N PRO B 180 -0.75 23.46 -9.51
CA PRO B 180 -0.35 24.35 -8.40
C PRO B 180 -0.01 23.51 -7.15
N LYS B 181 -0.78 22.48 -6.85
CA LYS B 181 -0.47 21.63 -5.69
C LYS B 181 0.73 20.66 -5.87
N ALA B 182 0.98 20.16 -7.09
CA ALA B 182 2.04 19.15 -7.26
C ALA B 182 3.38 19.77 -7.61
N LYS B 183 3.35 21.05 -7.96
CA LYS B 183 4.47 21.73 -8.61
C LYS B 183 5.77 21.60 -7.83
N SER B 184 5.76 22.04 -6.57
CA SER B 184 6.99 22.02 -5.77
C SER B 184 7.58 20.61 -5.65
N ARG B 185 6.72 19.59 -5.64
CA ARG B 185 7.22 18.23 -5.45
C ARG B 185 7.73 17.61 -6.74
N ILE B 186 7.14 18.03 -7.86
CA ILE B 186 7.57 17.52 -9.16
C ILE B 186 8.95 18.13 -9.41
N TYR B 187 9.09 19.42 -9.11
CA TYR B 187 10.41 20.05 -9.27
C TYR B 187 11.47 19.44 -8.35
N GLU B 188 11.09 19.17 -7.11
CA GLU B 188 12.04 18.60 -6.17
C GLU B 188 12.42 17.17 -6.58
N TYR B 189 11.44 16.38 -7.00
CA TYR B 189 11.73 15.04 -7.50
C TYR B 189 12.77 15.08 -8.63
N ILE B 190 12.58 15.97 -9.59
CA ILE B 190 13.50 16.03 -10.75
C ILE B 190 14.90 16.54 -10.33
N LYS B 191 14.93 17.52 -9.43
CA LYS B 191 16.19 18.11 -9.00
C LYS B 191 17.05 17.09 -8.24
N ARG B 192 16.40 16.30 -7.37
CA ARG B 192 17.09 15.29 -6.56
C ARG B 192 17.59 14.12 -7.41
N THR B 193 16.77 13.68 -8.36
CA THR B 193 17.20 12.72 -9.34
C THR B 193 18.45 13.23 -10.02
N TYR B 194 18.38 14.45 -10.54
CA TYR B 194 19.49 15.02 -11.32
C TYR B 194 20.76 15.04 -10.50
N ILE B 195 20.67 15.55 -9.26
CA ILE B 195 21.86 15.63 -8.40
C ILE B 195 22.55 14.29 -8.20
N ILE B 196 21.80 13.21 -8.16
CA ILE B 196 22.44 11.92 -7.98
C ILE B 196 22.64 11.18 -9.31
N THR B 197 22.25 11.80 -10.43
CA THR B 197 22.42 11.20 -11.74
C THR B 197 23.13 12.20 -12.68
N PRO B 198 24.38 12.53 -12.36
CA PRO B 198 25.12 13.56 -13.12
C PRO B 198 25.48 13.17 -14.57
N TYR B 199 25.39 11.88 -14.90
CA TYR B 199 25.61 11.40 -16.26
C TYR B 199 24.33 11.46 -17.13
N ALA B 200 23.23 11.94 -16.53
CA ALA B 200 21.98 12.12 -17.24
C ALA B 200 21.77 13.58 -17.57
N GLU B 201 20.97 13.80 -18.60
CA GLU B 201 20.57 15.13 -18.98
C GLU B 201 19.05 15.18 -19.08
N PHE B 202 18.46 16.18 -18.46
CA PHE B 202 17.01 16.34 -18.48
C PHE B 202 16.63 17.71 -19.01
N ILE B 203 15.50 17.75 -19.69
CA ILE B 203 14.83 19.01 -19.97
C ILE B 203 13.38 18.93 -19.47
N PHE B 204 12.92 19.97 -18.77
CA PHE B 204 11.56 19.96 -18.21
C PHE B 204 10.80 21.22 -18.61
N LYS B 205 9.73 21.03 -19.36
CA LYS B 205 8.83 22.11 -19.72
C LYS B 205 7.52 21.94 -18.95
N ASP B 206 7.23 22.89 -18.08
CA ASP B 206 6.05 22.78 -17.25
C ASP B 206 4.78 23.45 -17.87
N PRO B 207 3.63 23.25 -17.22
CA PRO B 207 2.35 23.76 -17.71
C PRO B 207 2.30 25.30 -17.79
N GLU B 208 3.19 25.99 -17.09
CA GLU B 208 3.21 27.45 -17.14
C GLU B 208 4.12 27.94 -18.27
N GLY B 209 4.83 27.00 -18.87
CA GLY B 209 5.67 27.32 -20.00
C GLY B 209 7.12 27.52 -19.60
N ASN B 210 7.44 27.37 -18.31
CA ASN B 210 8.83 27.34 -17.88
C ASN B 210 9.55 26.15 -18.47
N VAL B 211 10.81 26.36 -18.86
CA VAL B 211 11.67 25.31 -19.40
C VAL B 211 12.95 25.25 -18.56
N THR B 212 13.27 24.10 -17.99
CA THR B 212 14.46 24.02 -17.17
C THR B 212 15.39 22.97 -17.74
N TYR B 213 16.64 23.38 -17.92
CA TYR B 213 17.67 22.52 -18.51
C TYR B 213 18.57 22.00 -17.39
N TYR B 214 18.85 20.69 -17.41
CA TYR B 214 19.70 20.06 -16.41
C TYR B 214 20.84 19.35 -17.15
N PRO B 215 21.98 20.00 -17.37
CA PRO B 215 22.99 19.48 -18.33
C PRO B 215 23.77 18.32 -17.75
N ARG B 216 24.20 17.41 -18.61
CA ARG B 216 25.05 16.31 -18.21
C ARG B 216 26.42 16.86 -17.66
N LEU B 217 26.84 16.34 -16.51
CA LEU B 217 28.09 16.79 -15.86
C LEU B 217 29.26 15.85 -16.03
N THR B 218 28.96 14.63 -16.48
CA THR B 218 29.99 13.62 -16.74
C THR B 218 29.47 12.61 -17.74
N ASN B 219 30.37 12.00 -18.51
CA ASN B 219 29.95 11.02 -19.53
C ASN B 219 30.26 9.60 -19.08
N LYS B 220 30.50 9.43 -17.79
CA LYS B 220 30.85 8.14 -17.22
C LYS B 220 29.64 7.57 -16.48
N ILE B 221 29.07 6.52 -17.02
CA ILE B 221 27.97 5.82 -16.39
C ILE B 221 28.51 4.75 -15.41
N PRO B 222 27.86 4.57 -14.27
CA PRO B 222 28.29 3.50 -13.34
C PRO B 222 28.09 2.16 -14.05
N LYS B 223 28.86 1.14 -13.70
CA LYS B 223 28.62 -0.18 -14.27
C LYS B 223 27.14 -0.56 -14.13
N PRO B 224 26.47 -0.88 -15.24
CA PRO B 224 25.06 -1.29 -15.22
C PRO B 224 24.82 -2.50 -14.32
N PRO B 225 23.74 -2.49 -13.52
CA PRO B 225 23.35 -3.67 -12.73
C PRO B 225 23.04 -4.82 -13.68
N GLN B 226 23.40 -6.02 -13.28
CA GLN B 226 23.06 -7.23 -14.06
C GLN B 226 22.09 -8.14 -13.29
N GLU B 227 21.57 -9.15 -13.98
CA GLU B 227 20.89 -10.24 -13.31
C GLU B 227 21.88 -10.95 -12.38
N VAL B 228 21.48 -11.22 -11.15
CA VAL B 228 22.30 -12.06 -10.29
C VAL B 228 21.51 -13.20 -9.68
N LYS B 229 22.24 -14.21 -9.20
CA LYS B 229 21.68 -15.31 -8.43
C LYS B 229 21.25 -14.84 -7.03
N PRO B 230 20.26 -15.49 -6.47
CA PRO B 230 19.76 -15.09 -5.15
C PRO B 230 20.82 -15.42 -4.12
N HIS B 231 20.84 -14.71 -3.01
CA HIS B 231 21.63 -15.11 -1.85
C HIS B 231 20.76 -16.07 -1.01
N PRO B 232 21.35 -17.14 -0.49
CA PRO B 232 20.59 -18.21 0.17
C PRO B 232 19.80 -17.72 1.42
N TYR B 233 20.40 -16.78 2.15
CA TYR B 233 19.77 -16.29 3.36
C TYR B 233 18.38 -15.59 3.19
N GLY B 234 17.32 -16.28 3.59
CA GLY B 234 15.97 -15.79 3.45
C GLY B 234 15.19 -16.27 2.23
N VAL B 235 15.78 -17.10 1.37
CA VAL B 235 15.03 -17.66 0.26
C VAL B 235 13.91 -18.52 0.84
N ASP B 236 12.68 -18.34 0.37
CA ASP B 236 11.55 -19.06 0.95
C ASP B 236 11.17 -20.34 0.19
N ARG B 237 10.21 -21.09 0.73
CA ARG B 237 9.81 -22.38 0.15
C ARG B 237 9.28 -22.29 -1.27
N GLU B 238 8.48 -21.28 -1.56
CA GLU B 238 7.95 -21.12 -2.90
C GLU B 238 9.06 -20.76 -3.90
N GLU B 239 10.02 -19.94 -3.44
CA GLU B 239 11.24 -19.63 -4.24
C GLU B 239 12.15 -20.84 -4.53
N ILE B 240 12.32 -21.69 -3.52
CA ILE B 240 12.97 -22.99 -3.74
C ILE B 240 12.30 -23.77 -4.86
N LYS B 241 10.96 -23.87 -4.81
CA LYS B 241 10.21 -24.62 -5.83
C LYS B 241 10.37 -24.03 -7.22
N ILE B 242 10.32 -22.70 -7.32
CA ILE B 242 10.53 -22.01 -8.59
C ILE B 242 11.93 -22.34 -9.14
N LEU B 243 12.94 -22.32 -8.28
CA LEU B 243 14.32 -22.59 -8.69
C LEU B 243 14.49 -23.99 -9.23
N ILE B 244 13.85 -24.95 -8.55
CA ILE B 244 13.88 -26.33 -9.01
C ILE B 244 13.14 -26.50 -10.33
N ASN B 245 11.91 -25.99 -10.40
CA ASN B 245 11.09 -26.11 -11.61
C ASN B 245 11.76 -25.52 -12.86
N ASN B 246 12.67 -24.58 -12.66
CA ASN B 246 13.32 -23.87 -13.76
C ASN B 246 14.67 -24.46 -14.18
N LEU B 247 15.07 -25.55 -13.54
CA LEU B 247 16.35 -26.18 -13.87
C LEU B 247 16.28 -26.86 -15.23
N LYS B 248 17.35 -26.73 -16.01
CA LYS B 248 17.49 -27.50 -17.25
C LYS B 248 18.16 -28.83 -16.92
N ARG B 249 19.19 -28.76 -16.08
CA ARG B 249 19.99 -29.94 -15.74
C ARG B 249 19.43 -30.68 -14.53
N ASP B 250 19.60 -32.00 -14.55
CA ASP B 250 19.14 -32.87 -13.46
C ASP B 250 20.06 -32.75 -12.24
N TYR B 251 20.11 -31.55 -11.69
CA TYR B 251 21.00 -31.26 -10.58
C TYR B 251 20.71 -32.14 -9.35
N THR B 252 21.77 -32.53 -8.64
CA THR B 252 21.65 -33.07 -7.30
C THR B 252 21.51 -31.87 -6.34
N ILE B 253 21.09 -32.15 -5.11
CA ILE B 253 20.96 -31.08 -4.11
C ILE B 253 22.27 -30.33 -3.92
N LYS B 254 23.38 -31.05 -3.89
CA LYS B 254 24.69 -30.42 -3.78
C LYS B 254 24.91 -29.51 -4.96
N GLU B 255 24.70 -30.03 -6.16
CA GLU B 255 24.93 -29.25 -7.36
C GLU B 255 24.01 -28.02 -7.37
N PHE B 256 22.79 -28.22 -6.86
CA PHE B 256 21.78 -27.14 -6.78
C PHE B 256 22.29 -26.00 -5.92
N LEU B 257 22.83 -26.31 -4.74
CA LEU B 257 23.31 -25.28 -3.84
C LEU B 257 24.45 -24.40 -4.39
N VAL B 258 25.46 -25.00 -5.02
CA VAL B 258 26.61 -24.18 -5.48
C VAL B 258 26.33 -23.44 -6.78
N ASN B 259 25.40 -23.96 -7.58
CA ASN B 259 25.16 -23.38 -8.91
C ASN B 259 24.03 -22.35 -8.98
N GLU B 260 23.00 -22.50 -8.16
CA GLU B 260 21.83 -21.63 -8.25
C GLU B 260 21.85 -20.42 -7.31
N PHE B 261 22.87 -20.35 -6.48
CA PHE B 261 22.94 -19.32 -5.44
C PHE B 261 24.28 -18.64 -5.46
N GLN B 262 24.29 -17.39 -5.00
CA GLN B 262 25.51 -16.66 -4.63
C GLN B 262 26.09 -17.23 -3.32
N SER B 263 27.37 -16.95 -3.09
CA SER B 263 27.99 -17.23 -1.80
C SER B 263 27.94 -18.68 -1.29
N ILE B 264 27.78 -19.65 -2.19
CA ILE B 264 27.82 -21.05 -1.79
C ILE B 264 28.86 -21.80 -2.63
N GLY B 265 30.04 -22.02 -2.04
CA GLY B 265 31.07 -22.86 -2.66
C GLY B 265 30.87 -24.31 -2.26
N ASP B 266 31.81 -25.17 -2.66
CA ASP B 266 31.65 -26.61 -2.48
C ASP B 266 31.56 -27.02 -1.00
N THR B 267 32.41 -26.41 -0.18
CA THR B 267 32.45 -26.72 1.26
C THR B 267 31.25 -26.14 2.03
N THR B 268 30.81 -24.93 1.68
CA THR B 268 29.63 -24.34 2.31
C THR B 268 28.40 -25.21 2.01
N ALA B 269 28.32 -25.70 0.79
CA ALA B 269 27.24 -26.59 0.38
C ALA B 269 27.15 -27.81 1.31
N ASP B 270 28.29 -28.44 1.55
CA ASP B 270 28.36 -29.63 2.43
C ASP B 270 27.82 -29.32 3.83
N LYS B 271 28.28 -28.21 4.39
CA LYS B 271 27.88 -27.78 5.74
C LYS B 271 26.39 -27.56 5.87
N ILE B 272 25.78 -26.95 4.85
CA ILE B 272 24.32 -26.75 4.79
C ILE B 272 23.57 -28.08 4.69
N LEU B 273 23.98 -28.93 3.74
CA LEU B 273 23.34 -30.23 3.53
C LEU B 273 23.33 -31.10 4.79
N GLU B 274 24.37 -30.95 5.61
CA GLU B 274 24.48 -31.66 6.87
C GLU B 274 23.50 -31.10 7.89
N LEU B 275 23.48 -29.78 8.03
CA LEU B 275 22.58 -29.13 8.96
C LEU B 275 21.13 -29.36 8.57
N ALA B 276 20.87 -29.37 7.27
CA ALA B 276 19.51 -29.50 6.77
C ALA B 276 19.09 -30.94 6.74
N GLY B 277 20.07 -31.83 6.90
CA GLY B 277 19.82 -33.25 6.89
C GLY B 277 19.39 -33.76 5.53
N LEU B 278 20.10 -33.31 4.49
CA LEU B 278 19.79 -33.70 3.12
C LEU B 278 20.93 -34.50 2.49
N LYS B 279 20.58 -35.53 1.74
CA LYS B 279 21.56 -36.34 1.01
C LYS B 279 22.11 -35.52 -0.16
N PRO B 280 23.43 -35.29 -0.14
CA PRO B 280 24.09 -34.50 -1.20
C PRO B 280 23.81 -35.03 -2.61
N ASN B 281 23.74 -36.36 -2.75
CA ASN B 281 23.58 -37.00 -4.06
C ASN B 281 22.14 -37.20 -4.52
N LYS B 282 21.17 -36.94 -3.64
CA LYS B 282 19.76 -37.03 -4.00
C LYS B 282 19.42 -36.02 -5.11
N LYS B 283 18.44 -36.36 -5.96
CA LYS B 283 18.07 -35.47 -7.05
C LYS B 283 17.11 -34.38 -6.53
N VAL B 284 17.50 -33.12 -6.76
CA VAL B 284 16.75 -31.99 -6.25
C VAL B 284 15.31 -31.97 -6.78
N LYS B 285 15.09 -32.45 -8.00
CA LYS B 285 13.74 -32.53 -8.55
C LYS B 285 12.83 -33.37 -7.64
N ASN B 286 13.45 -34.12 -6.71
CA ASN B 286 12.73 -35.00 -5.82
C ASN B 286 12.55 -34.51 -4.38
N LEU B 287 12.97 -33.29 -4.10
CA LEU B 287 12.79 -32.73 -2.75
C LEU B 287 11.33 -32.81 -2.28
N THR B 288 11.11 -33.28 -1.06
CA THR B 288 9.76 -33.37 -0.52
C THR B 288 9.31 -32.03 0.05
N GLU B 289 8.02 -31.89 0.36
CA GLU B 289 7.53 -30.65 0.96
C GLU B 289 8.34 -30.35 2.22
N GLU B 290 8.62 -31.40 2.97
CA GLU B 290 9.33 -31.29 4.25
C GLU B 290 10.82 -30.91 4.11
N GLU B 291 11.50 -31.48 3.13
CA GLU B 291 12.92 -31.18 2.92
C GLU B 291 13.16 -29.76 2.45
N ILE B 292 12.20 -29.23 1.70
CA ILE B 292 12.20 -27.83 1.33
C ILE B 292 12.09 -26.97 2.61
N THR B 293 11.18 -27.32 3.51
CA THR B 293 11.06 -26.60 4.78
C THR B 293 12.39 -26.62 5.53
N ARG B 294 13.02 -27.79 5.58
CA ARG B 294 14.32 -27.93 6.25
C ARG B 294 15.44 -27.16 5.58
N LEU B 295 15.42 -27.03 4.25
CA LEU B 295 16.42 -26.22 3.54
C LEU B 295 16.26 -24.76 3.93
N VAL B 296 15.01 -24.28 3.86
CA VAL B 296 14.70 -22.88 4.07
C VAL B 296 15.08 -22.44 5.49
N GLU B 297 14.75 -23.27 6.47
CA GLU B 297 15.08 -22.99 7.87
C GLU B 297 16.59 -22.96 8.11
N THR B 298 17.30 -23.83 7.40
CA THR B 298 18.76 -23.89 7.49
C THR B 298 19.39 -22.63 6.88
N PHE B 299 18.90 -22.21 5.71
CA PHE B 299 19.38 -20.97 5.10
C PHE B 299 19.22 -19.84 6.13
N LYS B 300 18.09 -19.84 6.82
CA LYS B 300 17.71 -18.76 7.70
C LYS B 300 18.59 -18.69 8.96
N LYS B 301 18.99 -19.87 9.45
CA LYS B 301 19.77 -19.97 10.67
C LYS B 301 21.29 -19.94 10.50
N TYR B 302 21.79 -20.41 9.36
CA TYR B 302 23.24 -20.54 9.15
C TYR B 302 23.96 -19.22 9.40
N GLU B 303 24.98 -19.24 10.26
CA GLU B 303 25.65 -18.00 10.67
C GLU B 303 26.92 -17.65 9.90
N ASP B 304 27.35 -18.53 8.99
CA ASP B 304 28.64 -18.34 8.31
C ASP B 304 28.54 -18.06 6.81
N PHE B 305 27.48 -17.38 6.38
CA PHE B 305 27.35 -17.05 4.97
C PHE B 305 28.20 -15.82 4.65
N ARG B 306 29.00 -15.89 3.59
CA ARG B 306 29.63 -14.68 3.04
C ARG B 306 28.55 -13.70 2.59
N SER B 307 28.82 -12.41 2.68
CA SER B 307 27.92 -11.41 2.12
C SER B 307 27.80 -11.62 0.59
N PRO B 308 26.75 -11.10 -0.04
CA PRO B 308 26.60 -11.23 -1.49
C PRO B 308 27.60 -10.31 -2.16
N SER B 309 27.84 -10.51 -3.46
CA SER B 309 28.74 -9.63 -4.18
C SER B 309 28.16 -8.22 -4.22
N ALA B 310 28.98 -7.24 -3.90
CA ALA B 310 28.58 -5.85 -3.95
C ALA B 310 28.27 -5.42 -5.38
N ASP B 311 28.94 -6.06 -6.35
CA ASP B 311 28.77 -5.76 -7.77
C ASP B 311 27.37 -6.07 -8.28
N SER B 312 26.57 -6.78 -7.48
CA SER B 312 25.18 -7.08 -7.85
C SER B 312 24.39 -5.78 -8.09
N LEU B 313 24.83 -4.71 -7.43
CA LEU B 313 24.00 -3.52 -7.27
C LEU B 313 24.66 -2.25 -7.78
N SER B 314 23.85 -1.20 -7.93
CA SER B 314 24.32 0.09 -8.35
C SER B 314 24.12 1.16 -7.27
N VAL B 315 25.23 1.64 -6.68
CA VAL B 315 25.17 2.60 -5.57
C VAL B 315 25.32 4.05 -6.04
N ILE B 316 24.94 5.01 -5.21
CA ILE B 316 25.22 6.43 -5.49
C ILE B 316 26.71 6.75 -5.26
N GLY B 317 27.23 6.28 -4.13
CA GLY B 317 28.64 6.43 -3.82
C GLY B 317 28.92 7.49 -2.76
N GLU B 318 29.83 7.18 -1.84
CA GLU B 318 30.26 8.11 -0.81
C GLU B 318 30.57 9.49 -1.33
N ASP B 319 31.39 9.55 -2.40
CA ASP B 319 31.82 10.81 -2.96
C ASP B 319 30.66 11.65 -3.48
N LEU B 320 29.80 11.05 -4.30
CA LEU B 320 28.64 11.77 -4.84
C LEU B 320 27.75 12.24 -3.69
N ILE B 321 27.53 11.34 -2.73
CA ILE B 321 26.70 11.68 -1.57
C ILE B 321 27.21 12.92 -0.81
N GLU B 322 28.50 12.92 -0.48
CA GLU B 322 29.08 14.09 0.20
C GLU B 322 29.04 15.35 -0.65
N LEU B 323 29.43 15.22 -1.93
CA LEU B 323 29.43 16.34 -2.85
C LEU B 323 28.02 16.92 -2.93
N GLY B 324 27.00 16.05 -2.97
CA GLY B 324 25.63 16.52 -3.08
C GLY B 324 25.23 17.31 -1.85
N LEU B 325 25.57 16.77 -0.68
CA LEU B 325 25.27 17.40 0.58
C LEU B 325 25.93 18.81 0.71
N LYS B 326 27.09 18.98 0.08
CA LYS B 326 27.74 20.30 0.05
C LYS B 326 27.13 21.30 -0.94
N LYS B 327 26.73 20.81 -2.11
CA LYS B 327 26.12 21.67 -3.13
C LYS B 327 24.84 22.32 -2.59
N ILE B 328 23.95 21.48 -2.05
CA ILE B 328 22.62 21.92 -1.62
C ILE B 328 22.67 22.68 -0.29
N PHE B 329 23.39 22.13 0.67
CA PHE B 329 23.26 22.55 2.05
C PHE B 329 24.39 23.44 2.55
N ASN B 330 25.50 23.45 1.82
CA ASN B 330 26.67 24.26 2.19
C ASN B 330 26.97 24.18 3.69
N PRO B 331 27.30 22.98 4.14
CA PRO B 331 27.45 22.70 5.57
C PRO B 331 28.87 22.99 6.04
N ASP B 332 29.04 23.02 7.36
CA ASP B 332 30.36 23.11 7.97
C ASP B 332 31.01 21.73 8.07
N PHE B 333 30.18 20.68 7.99
CA PHE B 333 30.69 19.31 8.03
C PHE B 333 29.73 18.34 7.35
N ALA B 334 30.29 17.42 6.56
CA ALA B 334 29.51 16.32 6.02
C ALA B 334 30.37 15.06 6.02
N ALA B 335 29.72 13.89 6.16
CA ALA B 335 30.38 12.60 5.93
C ALA B 335 29.39 11.58 5.37
N SER B 336 29.92 10.51 4.79
CA SER B 336 29.08 9.47 4.21
C SER B 336 29.74 8.10 4.30
N ILE B 337 28.93 7.04 4.25
CA ILE B 337 29.44 5.67 4.13
C ILE B 337 28.59 4.86 3.14
N THR B 338 29.26 4.03 2.36
CA THR B 338 28.61 3.05 1.49
C THR B 338 28.95 1.75 2.17
N ARG B 339 27.98 1.15 2.86
CA ARG B 339 28.21 -0.09 3.59
C ARG B 339 28.46 -1.27 2.67
N LYS B 340 29.09 -2.30 3.20
CA LYS B 340 29.21 -3.58 2.53
C LYS B 340 27.81 -4.21 2.41
N PRO B 341 27.62 -5.04 1.39
CA PRO B 341 26.33 -5.68 1.12
C PRO B 341 25.85 -6.64 2.22
N LYS B 342 24.54 -6.73 2.34
CA LYS B 342 23.89 -7.72 3.18
C LYS B 342 22.82 -8.37 2.30
N ALA B 343 21.98 -9.22 2.90
CA ALA B 343 20.95 -9.93 2.15
C ALA B 343 19.71 -9.95 3.00
N TYR B 344 18.55 -9.93 2.36
CA TYR B 344 17.30 -10.14 3.06
C TYR B 344 16.40 -10.82 2.06
N GLN B 345 15.74 -11.88 2.53
CA GLN B 345 14.80 -12.66 1.74
C GLN B 345 15.39 -13.04 0.41
N GLY B 346 16.65 -13.43 0.43
CA GLY B 346 17.35 -13.87 -0.79
C GLY B 346 17.90 -12.75 -1.64
N HIS B 347 17.68 -11.49 -1.23
CA HIS B 347 18.01 -10.32 -2.04
C HIS B 347 19.23 -9.54 -1.49
N PRO B 348 20.28 -9.34 -2.30
CA PRO B 348 21.40 -8.49 -1.87
C PRO B 348 20.88 -7.06 -1.73
N PHE B 349 21.32 -6.35 -0.71
CA PHE B 349 21.07 -4.91 -0.62
C PHE B 349 22.27 -4.21 -0.04
N ILE B 350 22.41 -2.92 -0.33
CA ILE B 350 23.40 -2.07 0.31
C ILE B 350 22.70 -0.85 0.89
N VAL B 351 23.09 -0.43 2.07
CA VAL B 351 22.61 0.81 2.60
C VAL B 351 23.77 1.82 2.52
N GLU B 352 23.47 3.01 2.03
CA GLU B 352 24.42 4.13 2.10
C GLU B 352 23.79 5.19 2.99
N ALA B 353 24.62 5.95 3.69
CA ALA B 353 24.14 6.96 4.60
C ALA B 353 25.06 8.13 4.56
N GLY B 354 24.47 9.32 4.74
CA GLY B 354 25.23 10.54 4.76
C GLY B 354 24.69 11.49 5.80
N VAL B 355 25.58 12.29 6.37
CA VAL B 355 25.20 13.28 7.37
C VAL B 355 25.90 14.61 7.13
N ALA B 356 25.16 15.71 7.31
CA ALA B 356 25.69 17.07 7.17
C ALA B 356 25.25 17.92 8.35
N PHE B 357 26.11 18.86 8.74
CA PHE B 357 25.83 19.69 9.90
C PHE B 357 26.39 21.12 9.78
N GLY B 358 25.60 22.11 10.20
CA GLY B 358 26.03 23.50 10.25
C GLY B 358 25.75 24.32 9.00
N GLY B 359 26.49 25.42 8.83
CA GLY B 359 26.45 26.21 7.60
C GLY B 359 25.06 26.76 7.28
N SER B 360 24.65 26.65 6.02
CA SER B 360 23.35 27.19 5.60
C SER B 360 22.16 26.30 6.00
N ILE B 361 22.41 25.24 6.75
CA ILE B 361 21.35 24.28 7.12
C ILE B 361 20.41 24.90 8.17
N PRO B 362 19.13 25.01 7.84
CA PRO B 362 18.17 25.69 8.72
C PRO B 362 18.22 25.15 10.14
N VAL B 363 17.84 25.97 11.11
CA VAL B 363 17.73 25.52 12.49
C VAL B 363 16.37 24.88 12.68
N GLY B 364 16.34 23.72 13.32
CA GLY B 364 15.09 23.00 13.50
C GLY B 364 15.13 22.07 14.70
N GLU B 365 14.01 21.40 14.97
CA GLU B 365 13.92 20.52 16.13
C GLU B 365 14.13 19.05 15.78
N GLU B 366 14.12 18.73 14.49
CA GLU B 366 14.46 17.40 13.99
C GLU B 366 15.44 17.53 12.81
N PRO B 367 16.11 16.45 12.45
CA PRO B 367 16.93 16.47 11.22
C PRO B 367 16.05 16.57 9.97
N ILE B 368 16.59 17.17 8.93
CA ILE B 368 16.00 17.02 7.59
C ILE B 368 16.43 15.62 7.14
N VAL B 369 15.45 14.81 6.74
CA VAL B 369 15.72 13.45 6.29
C VAL B 369 15.46 13.31 4.78
N LEU B 370 16.46 12.79 4.09
CA LEU B 370 16.43 12.63 2.65
C LEU B 370 16.50 11.13 2.36
N ARG B 371 15.45 10.58 1.75
CA ARG B 371 15.40 9.13 1.51
C ARG B 371 15.50 8.77 0.03
N TYR B 372 16.24 7.70 -0.27
CA TYR B 372 16.37 7.24 -1.65
C TYR B 372 16.27 5.73 -1.62
N ALA B 373 15.71 5.17 -2.67
CA ALA B 373 15.63 3.72 -2.83
C ALA B 373 15.85 3.40 -4.32
N ASN B 374 16.81 2.51 -4.63
CA ASN B 374 17.23 2.21 -6.02
C ASN B 374 17.41 3.47 -6.86
N LYS B 375 18.02 4.49 -6.27
CA LYS B 375 18.33 5.75 -6.96
C LYS B 375 17.10 6.66 -7.15
N ILE B 376 15.99 6.32 -6.52
CA ILE B 376 14.81 7.14 -6.64
C ILE B 376 14.67 7.96 -5.38
N PRO B 377 14.49 9.25 -5.52
CA PRO B 377 14.21 10.11 -4.36
C PRO B 377 12.78 9.86 -3.90
N LEU B 378 12.59 9.68 -2.60
CA LEU B 378 11.24 9.48 -2.06
C LEU B 378 10.82 10.81 -1.51
N ILE B 379 9.63 11.24 -1.86
CA ILE B 379 9.13 12.55 -1.45
C ILE B 379 7.91 12.47 -0.49
N TYR B 380 6.97 11.56 -0.73
CA TYR B 380 5.77 11.52 0.13
C TYR B 380 5.91 10.53 1.30
N ASP B 381 4.99 10.63 2.26
CA ASP B 381 4.81 9.60 3.29
C ASP B 381 6.03 9.38 4.15
N GLU B 382 6.84 10.40 4.34
CA GLU B 382 8.12 10.20 5.01
C GLU B 382 8.00 9.58 6.42
N LYS B 383 6.97 9.96 7.19
CA LYS B 383 6.90 9.50 8.59
C LYS B 383 6.47 8.06 8.73
N SER B 384 6.03 7.47 7.63
CA SER B 384 5.68 6.05 7.63
C SER B 384 6.88 5.20 7.24
N ASP B 385 7.98 5.83 6.89
CA ASP B 385 9.11 5.09 6.32
C ASP B 385 9.96 4.50 7.44
N VAL B 386 10.48 3.30 7.23
CA VAL B 386 11.39 2.69 8.15
C VAL B 386 12.63 3.57 8.37
N ILE B 387 13.01 4.34 7.35
CA ILE B 387 14.16 5.23 7.50
C ILE B 387 13.90 6.26 8.59
N TRP B 388 12.71 6.86 8.55
CA TRP B 388 12.30 7.84 9.55
C TRP B 388 12.19 7.25 10.94
N LYS B 389 11.61 6.05 11.04
CA LYS B 389 11.54 5.33 12.30
C LYS B 389 12.95 5.19 12.93
N VAL B 390 13.95 4.81 12.13
CA VAL B 390 15.29 4.59 12.67
C VAL B 390 15.90 5.93 13.08
N VAL B 391 15.71 6.96 12.25
CA VAL B 391 16.26 8.27 12.55
C VAL B 391 15.67 8.78 13.87
N GLU B 392 14.36 8.64 14.00
CA GLU B 392 13.63 9.04 15.19
C GLU B 392 14.06 8.31 16.47
N GLU B 393 14.28 7.00 16.36
CA GLU B 393 14.62 6.19 17.51
C GLU B 393 16.08 6.35 17.95
N LEU B 394 16.93 6.87 17.07
CA LEU B 394 18.32 7.04 17.40
C LEU B 394 18.47 8.21 18.37
N ASP B 395 19.35 8.05 19.35
CA ASP B 395 19.57 9.12 20.31
C ASP B 395 20.77 9.96 19.90
N TRP B 396 20.48 11.12 19.33
CA TRP B 396 21.50 11.98 18.76
C TRP B 396 22.34 12.69 19.84
N LYS B 397 21.88 12.63 21.09
CA LYS B 397 22.65 13.15 22.22
C LYS B 397 23.90 12.31 22.45
N ARG B 398 23.80 11.02 22.14
CA ARG B 398 24.91 10.09 22.24
C ARG B 398 25.96 10.31 21.12
N TYR B 399 25.73 11.29 20.26
CA TYR B 399 26.61 11.56 19.12
C TYR B 399 26.96 13.04 19.02
N GLY B 400 26.68 13.77 20.10
CA GLY B 400 27.10 15.16 20.20
C GLY B 400 25.98 16.18 20.18
N ILE B 401 24.83 15.84 19.60
CA ILE B 401 23.75 16.82 19.42
C ILE B 401 23.30 17.35 20.77
N GLU B 402 23.86 18.51 21.13
CA GLU B 402 23.73 19.11 22.44
C GLU B 402 22.32 19.65 22.71
N SER B 403 21.97 20.76 22.05
CA SER B 403 20.66 21.37 22.19
C SER B 403 19.57 20.49 21.57
N ASP B 404 18.31 20.85 21.82
CA ASP B 404 17.18 20.22 21.16
C ASP B 404 16.93 20.88 19.81
N GLN B 405 17.71 21.92 19.52
CA GLN B 405 17.64 22.64 18.26
C GLN B 405 18.99 22.54 17.53
N TYR B 406 18.97 22.04 16.30
CA TYR B 406 20.22 21.77 15.57
C TYR B 406 20.09 21.84 14.04
N GLN B 407 21.22 22.05 13.38
CA GLN B 407 21.29 22.11 11.94
C GLN B 407 21.86 20.79 11.41
N MSE B 408 21.00 19.84 11.10
CA MSE B 408 21.47 18.54 10.62
C MSE B 408 20.64 17.94 9.48
O MSE B 408 19.41 17.99 9.52
CB MSE B 408 21.57 17.54 11.78
CG MSE B 408 21.95 16.15 11.34
SE MSE B 408 22.26 14.96 12.83
CE MSE B 408 20.59 15.11 13.72
N VAL B 409 21.33 17.40 8.47
CA VAL B 409 20.70 16.65 7.40
C VAL B 409 21.16 15.21 7.46
N VAL B 410 20.21 14.29 7.36
CA VAL B 410 20.53 12.88 7.27
C VAL B 410 19.96 12.34 5.95
N MSE B 411 20.79 11.60 5.24
CA MSE B 411 20.40 11.00 3.98
C MSE B 411 20.66 9.52 4.05
O MSE B 411 21.71 9.09 4.53
CB MSE B 411 21.19 11.62 2.84
CG MSE B 411 20.96 10.94 1.47
SE MSE B 411 21.83 11.98 0.03
CE MSE B 411 23.38 11.21 0.09
N VAL B 412 19.70 8.73 3.58
CA VAL B 412 19.85 7.29 3.53
C VAL B 412 19.38 6.79 2.15
N HIS B 413 20.19 5.95 1.50
CA HIS B 413 19.83 5.31 0.25
C HIS B 413 19.84 3.80 0.43
N LEU B 414 18.74 3.14 0.09
CA LEU B 414 18.69 1.70 0.06
C LEU B 414 18.66 1.24 -1.37
N CYS B 415 19.53 0.32 -1.77
CA CYS B 415 19.42 -0.27 -3.10
C CYS B 415 19.48 -1.77 -3.00
N SER B 416 18.76 -2.45 -3.90
CA SER B 416 18.59 -3.87 -3.78
C SER B 416 17.97 -4.42 -5.05
N THR B 417 18.10 -5.72 -5.27
CA THR B 417 17.34 -6.33 -6.33
C THR B 417 15.85 -6.25 -6.03
N LYS B 418 15.51 -5.89 -4.79
CA LYS B 418 14.11 -5.70 -4.41
C LYS B 418 13.93 -4.71 -3.27
N ILE B 419 13.19 -3.64 -3.52
CA ILE B 419 12.91 -2.70 -2.46
C ILE B 419 11.52 -3.06 -1.94
N PRO B 420 11.38 -3.33 -0.64
CA PRO B 420 10.07 -3.69 -0.08
C PRO B 420 9.29 -2.43 0.29
N TYR B 421 8.50 -1.91 -0.62
CA TYR B 421 7.75 -0.69 -0.36
C TYR B 421 6.46 -1.05 0.41
N LYS B 422 5.92 -0.08 1.14
CA LYS B 422 4.67 -0.21 1.87
C LYS B 422 3.47 -0.30 0.94
N SER B 423 3.54 0.34 -0.22
CA SER B 423 2.44 0.28 -1.17
C SER B 423 2.98 0.33 -2.57
N ALA B 424 2.14 -0.03 -3.54
CA ALA B 424 2.55 -0.02 -4.93
C ALA B 424 2.84 1.39 -5.44
N GLY B 425 2.45 2.42 -4.68
CA GLY B 425 2.82 3.82 -4.96
C GLY B 425 4.32 4.11 -4.76
N LYS B 426 4.98 3.21 -4.04
CA LYS B 426 6.44 3.22 -3.84
C LYS B 426 6.99 4.50 -3.23
N GLU B 427 6.33 5.04 -2.22
CA GLU B 427 6.86 6.26 -1.61
C GLU B 427 7.56 6.02 -0.29
N SER B 428 7.46 4.81 0.26
CA SER B 428 8.07 4.55 1.55
C SER B 428 8.37 3.08 1.74
N ILE B 429 9.45 2.84 2.47
CA ILE B 429 10.00 1.51 2.65
C ILE B 429 9.43 0.86 3.91
N ALA B 430 9.05 -0.40 3.76
CA ALA B 430 8.43 -1.19 4.82
C ALA B 430 9.38 -1.55 5.95
N GLU B 431 8.81 -2.01 7.06
CA GLU B 431 9.58 -2.43 8.23
C GLU B 431 10.06 -3.86 8.12
N VAL B 432 11.03 -4.07 7.26
CA VAL B 432 11.68 -5.36 7.13
C VAL B 432 12.84 -5.36 8.12
N GLU B 433 12.87 -6.37 8.99
CA GLU B 433 13.87 -6.46 10.06
C GLU B 433 15.38 -6.30 9.71
N ASP B 434 15.86 -7.02 8.72
CA ASP B 434 17.28 -6.93 8.34
C ASP B 434 17.61 -5.57 7.76
N ILE B 435 16.63 -4.95 7.07
CA ILE B 435 16.85 -3.65 6.48
C ILE B 435 16.92 -2.58 7.57
N GLU B 436 15.97 -2.63 8.48
CA GLU B 436 15.92 -1.69 9.61
C GLU B 436 17.18 -1.73 10.47
N LYS B 437 17.71 -2.92 10.70
CA LYS B 437 18.93 -3.07 11.52
C LYS B 437 20.15 -2.44 10.82
N GLU B 438 20.27 -2.68 9.52
CA GLU B 438 21.42 -2.21 8.75
C GLU B 438 21.33 -0.70 8.50
N ILE B 439 20.12 -0.17 8.31
CA ILE B 439 19.98 1.29 8.24
C ILE B 439 20.50 1.92 9.55
N LYS B 440 20.13 1.32 10.68
CA LYS B 440 20.59 1.78 11.98
C LYS B 440 22.14 1.67 12.12
N ASN B 441 22.71 0.53 11.71
CA ASN B 441 24.18 0.39 11.76
C ASN B 441 24.86 1.41 10.89
N ALA B 442 24.27 1.68 9.73
CA ALA B 442 24.83 2.66 8.81
C ALA B 442 24.78 4.04 9.42
N LEU B 443 23.62 4.44 9.95
CA LEU B 443 23.50 5.78 10.52
C LEU B 443 24.46 5.94 11.70
N MSE B 444 24.67 4.86 12.44
CA MSE B 444 25.60 4.92 13.57
C MSE B 444 27.04 5.19 13.11
O MSE B 444 27.71 6.05 13.69
CB MSE B 444 25.49 3.64 14.43
CG MSE B 444 24.18 3.55 15.21
SE MSE B 444 24.06 2.05 16.48
CE MSE B 444 24.22 0.61 15.31
N GLU B 445 27.49 4.50 12.06
CA GLU B 445 28.83 4.75 11.50
C GLU B 445 29.05 6.23 11.19
N VAL B 446 28.13 6.85 10.44
CA VAL B 446 28.27 8.26 10.08
C VAL B 446 28.05 9.18 11.26
N ALA B 447 27.20 8.75 12.20
CA ALA B 447 26.99 9.48 13.44
C ALA B 447 28.25 9.54 14.30
N ARG B 448 29.08 8.50 14.26
CA ARG B 448 30.34 8.48 15.00
C ARG B 448 31.32 9.51 14.42
N LYS B 449 31.30 9.66 13.09
CA LYS B 449 32.12 10.67 12.43
C LYS B 449 31.62 12.06 12.84
N LEU B 450 30.31 12.23 12.97
CA LEU B 450 29.76 13.52 13.38
C LEU B 450 30.20 13.87 14.82
N LYS B 451 30.33 12.84 15.65
CA LYS B 451 30.82 13.00 17.00
C LYS B 451 32.23 13.56 17.00
N GLN B 452 33.15 12.83 16.35
CA GLN B 452 34.53 13.28 16.20
C GLN B 452 34.65 14.77 15.81
N TYR B 453 33.80 15.24 14.89
CA TYR B 453 33.81 16.66 14.53
C TYR B 453 33.25 17.54 15.64
N LEU B 454 32.02 17.26 16.08
CA LEU B 454 31.35 18.08 17.09
C LEU B 454 32.16 18.13 18.39
N SER B 455 33.05 17.15 18.56
CA SER B 455 33.96 17.10 19.71
C SER B 455 35.13 18.09 19.52
N GLU B 456 35.80 18.02 18.37
CA GLU B 456 36.86 18.95 18.00
C GLU B 456 36.34 20.39 17.90
N LYS B 457 35.14 20.54 17.35
CA LYS B 457 34.52 21.86 17.17
C LYS B 457 34.08 22.50 18.51
N ARG B 458 33.86 21.66 19.52
CA ARG B 458 33.45 22.14 20.84
C ARG B 458 34.63 22.73 21.63
N LYS B 459 35.80 22.09 21.53
CA LYS B 459 37.01 22.61 22.17
C LYS B 459 37.41 23.98 21.61
N GLU B 460 36.95 24.30 20.39
CA GLU B 460 37.16 25.59 19.74
C GLU B 460 36.33 26.69 20.42
N GLN B 461 35.06 26.39 20.70
CA GLN B 461 34.21 27.29 21.46
C GLN B 461 34.62 27.33 22.94
N GLU B 462 35.28 26.26 23.41
CA GLU B 462 35.81 26.20 24.77
C GLU B 462 37.21 26.81 24.84
MG MG C . -11.42 -10.43 4.58
P PO4 D . -9.38 -7.82 2.78
O1 PO4 D . -8.18 -7.72 3.68
O2 PO4 D . -10.27 -6.61 2.71
O3 PO4 D . -8.96 -8.20 1.39
O4 PO4 D . -10.23 -8.86 3.50
PB ADP E . -12.59 -10.28 1.64
O1B ADP E . -12.87 -10.29 3.08
O2B ADP E . -12.17 -8.85 1.22
O3B ADP E . -13.84 -10.68 0.85
PA ADP E . -10.95 -12.53 2.15
O1A ADP E . -9.86 -13.22 1.42
O2A ADP E . -10.58 -12.07 3.53
O3A ADP E . -11.46 -11.31 1.28
O5' ADP E . -12.24 -13.57 2.18
C5' ADP E . -12.70 -14.16 0.99
C4' ADP E . -14.15 -14.59 1.14
O4' ADP E . -14.17 -15.75 1.97
C3' ADP E . -14.97 -13.57 1.86
O3' ADP E . -15.54 -12.59 0.99
C2' ADP E . -16.03 -14.42 2.56
O2' ADP E . -17.15 -14.62 1.71
C1' ADP E . -15.34 -15.75 2.75
N9 ADP E . -15.00 -15.94 4.17
C8 ADP E . -13.73 -15.93 4.74
N7 ADP E . -13.83 -16.23 6.06
C5 ADP E . -15.14 -16.44 6.35
C6 ADP E . -15.81 -16.77 7.55
N6 ADP E . -15.14 -16.93 8.73
N1 ADP E . -17.17 -16.93 7.51
C2 ADP E . -17.87 -16.78 6.32
N3 ADP E . -17.21 -16.45 5.14
C4 ADP E . -15.87 -16.28 5.16
MG MG F . 7.89 1.29 -14.35
P PO4 G . 6.46 0.01 -11.12
O1 PO4 G . 7.44 -0.76 -10.28
O2 PO4 G . 5.62 0.97 -10.36
O3 PO4 G . 7.06 0.59 -12.37
O4 PO4 G . 5.42 -1.03 -11.51
PB ADP H . 7.83 -1.94 -14.55
O1B ADP H . 8.63 -0.70 -14.74
O2B ADP H . 7.71 -2.16 -13.04
O3B ADP H . 8.40 -3.16 -15.24
PA ADP H . 5.79 -0.55 -15.99
O1A ADP H . 4.32 -0.75 -16.11
O2A ADP H . 6.06 0.86 -15.56
O3A ADP H . 6.36 -1.67 -15.05
O5' ADP H . 6.42 -0.88 -17.43
C5' ADP H . 6.14 -2.12 -18.05
C4' ADP H . 7.29 -2.44 -19.00
O4' ADP H . 7.27 -1.54 -20.11
C3' ADP H . 8.67 -2.29 -18.36
O3' ADP H . 9.13 -3.44 -17.67
C2' ADP H . 9.55 -1.97 -19.59
O2' ADP H . 9.98 -3.18 -20.17
C1' ADP H . 8.59 -1.29 -20.54
N9 ADP H . 8.79 0.17 -20.65
C8 ADP H . 7.98 1.17 -20.19
N7 ADP H . 8.47 2.37 -20.56
C5 ADP H . 9.59 2.14 -21.28
C6 ADP H . 10.50 2.99 -21.92
N6 ADP H . 10.39 4.31 -21.85
N1 ADP H . 11.55 2.42 -22.56
C2 ADP H . 11.72 1.06 -22.64
N3 ADP H . 10.83 0.22 -22.03
C4 ADP H . 9.78 0.76 -21.34
#